data_3ZLL
#
_entry.id   3ZLL
#
_cell.length_a   64.090
_cell.length_b   154.110
_cell.length_c   134.670
_cell.angle_alpha   90.00
_cell.angle_beta   92.49
_cell.angle_gamma   90.00
#
_symmetry.space_group_name_H-M   'C 1 2 1'
#
loop_
_entity.id
_entity.type
_entity.pdbx_description
1 polymer 'GLUCOSE-1-PHOSPHATE THYMIDYLYLTRANSFERASE'
2 non-polymer 5-azanyl-6-oxidanyl-1-(phenylmethyl)pyrimidine-2,4-dione
3 non-polymer '2-(N-MORPHOLINO)-ETHANESULFONIC ACID'
4 non-polymer GLYCEROL
5 non-polymer 'CHLORIDE ION'
6 water water
#
_entity_poly.entity_id   1
_entity_poly.type   'polypeptide(L)'
_entity_poly.pdbx_seq_one_letter_code
;HHHHHHGSMAMKRKGIILAGGSGTRLHPATLAISKQLLPVYDKPMIYYPLSTLMLAGIREILIISTPQDTPRFQQLLGDG
SNWGLDLQYAVQPSPDGLAQAFLIGESFIGNDLSALVLGDNLYYGHDFHELLGSASQRQTGASVFAYHVLDPERYGVVEF
DQGGKAISLEEKPLEPKSNYAVTGLYFYDQQVVDIARDLKPSPRGELEITDVNRAYLERGQLSVEIMGRGYAWLDTGTHD
SLLEAGQFIATLENRQGLKVACPEEIAYRQKWIDAAQLEKLAAPLAKNGYGQYLKRLLTETVY
;
_entity_poly.pdbx_strand_id   A,B,C,D
#
loop_
_chem_comp.id
_chem_comp.type
_chem_comp.name
_chem_comp.formula
4WF non-polymer 5-azanyl-6-oxidanyl-1-(phenylmethyl)pyrimidine-2,4-dione 'C11 H11 N3 O3'
CL non-polymer 'CHLORIDE ION' 'Cl -1'
GOL non-polymer GLYCEROL 'C3 H8 O3'
MES non-polymer '2-(N-MORPHOLINO)-ETHANESULFONIC ACID' 'C6 H13 N O4 S'
#
# COMPACT_ATOMS: atom_id res chain seq x y z
N HIS A 2 -26.72 -6.34 -25.37
CA HIS A 2 -25.85 -6.29 -26.59
C HIS A 2 -24.49 -5.75 -26.29
N HIS A 3 -23.48 -6.59 -26.50
CA HIS A 3 -22.09 -6.18 -26.41
C HIS A 3 -21.61 -5.77 -27.76
N HIS A 4 -20.52 -5.02 -27.81
CA HIS A 4 -19.98 -4.51 -29.08
C HIS A 4 -18.50 -4.73 -29.13
N HIS A 5 -18.04 -5.39 -30.20
CA HIS A 5 -16.64 -5.78 -30.27
C HIS A 5 -15.92 -5.07 -31.37
N HIS A 6 -14.95 -4.23 -30.96
CA HIS A 6 -14.23 -3.34 -31.87
C HIS A 6 -12.88 -3.90 -32.22
N LYS A 12 -3.28 -5.12 -24.66
CA LYS A 12 -4.56 -5.60 -24.07
C LYS A 12 -4.36 -6.51 -22.83
N ARG A 13 -3.56 -7.56 -22.97
CA ARG A 13 -3.42 -8.62 -21.94
C ARG A 13 -3.01 -8.10 -20.55
N LYS A 14 -3.69 -8.58 -19.52
CA LYS A 14 -3.42 -8.14 -18.15
C LYS A 14 -2.52 -9.14 -17.43
N GLY A 15 -1.74 -8.67 -16.47
CA GLY A 15 -0.82 -9.58 -15.78
C GLY A 15 -1.17 -9.70 -14.32
N ILE A 16 -0.85 -10.86 -13.74
CA ILE A 16 -0.96 -11.07 -12.32
C ILE A 16 0.32 -11.69 -11.78
N ILE A 17 0.83 -11.13 -10.68
CA ILE A 17 1.96 -11.70 -9.96
C ILE A 17 1.44 -12.23 -8.64
N LEU A 18 1.55 -13.54 -8.44
CA LEU A 18 1.21 -14.14 -7.16
C LEU A 18 2.43 -14.16 -6.25
N ALA A 19 2.36 -13.34 -5.22
CA ALA A 19 3.47 -13.09 -4.33
C ALA A 19 2.95 -13.29 -2.91
N GLY A 20 2.19 -14.37 -2.73
CA GLY A 20 1.52 -14.66 -1.48
C GLY A 20 2.43 -15.31 -0.45
N GLY A 21 1.82 -15.78 0.63
CA GLY A 21 2.55 -16.41 1.72
C GLY A 21 3.03 -17.78 1.29
N SER A 22 4.31 -18.06 1.55
CA SER A 22 4.90 -19.38 1.33
C SER A 22 4.80 -20.23 2.59
N GLY A 23 3.77 -19.97 3.40
CA GLY A 23 3.58 -20.64 4.68
C GLY A 23 4.79 -20.47 5.60
N THR A 24 5.17 -21.57 6.26
CA THR A 24 6.27 -21.57 7.22
C THR A 24 7.49 -22.34 6.72
N ARG A 25 7.52 -22.69 5.43
CA ARG A 25 8.56 -23.56 4.89
C ARG A 25 9.95 -22.95 5.03
N LEU A 26 10.07 -21.64 4.84
CA LEU A 26 11.36 -20.98 4.91
C LEU A 26 11.52 -20.19 6.22
N HIS A 27 10.63 -20.41 7.19
CA HIS A 27 10.83 -19.89 8.53
C HIS A 27 12.03 -20.56 9.14
N PRO A 28 12.87 -19.82 9.89
CA PRO A 28 12.68 -18.45 10.36
C PRO A 28 13.17 -17.32 9.43
N ALA A 29 13.87 -17.65 8.34
CA ALA A 29 14.39 -16.63 7.42
C ALA A 29 13.29 -15.67 6.95
N THR A 30 12.08 -16.19 6.74
CA THR A 30 10.96 -15.41 6.22
C THR A 30 9.88 -15.01 7.26
N LEU A 31 10.14 -15.21 8.54
CA LEU A 31 9.19 -14.77 9.60
C LEU A 31 8.90 -13.27 9.56
N ALA A 32 9.94 -12.47 9.33
CA ALA A 32 9.79 -11.00 9.36
C ALA A 32 9.20 -10.42 8.08
N ILE A 33 9.47 -11.05 6.94
CA ILE A 33 9.01 -10.56 5.64
C ILE A 33 8.77 -11.65 4.62
N SER A 34 7.95 -11.33 3.62
CA SER A 34 7.62 -12.22 2.52
C SER A 34 8.84 -12.53 1.68
N LYS A 35 8.94 -13.77 1.19
CA LYS A 35 10.11 -14.17 0.43
C LYS A 35 10.26 -13.35 -0.86
N GLN A 36 9.16 -12.82 -1.41
CA GLN A 36 9.23 -12.11 -2.70
C GLN A 36 9.76 -10.69 -2.51
N LEU A 37 9.91 -10.27 -1.27
CA LEU A 37 10.60 -9.03 -0.98
C LEU A 37 12.08 -9.24 -0.63
N LEU A 38 12.51 -10.51 -0.51
CA LEU A 38 13.93 -10.80 -0.27
C LEU A 38 14.73 -10.48 -1.53
N PRO A 39 15.95 -9.91 -1.38
CA PRO A 39 16.75 -9.64 -2.57
C PRO A 39 17.33 -10.89 -3.25
N VAL A 40 17.38 -10.87 -4.57
CA VAL A 40 18.19 -11.84 -5.31
C VAL A 40 19.33 -11.05 -5.87
N TYR A 41 20.48 -11.19 -5.20
CA TYR A 41 21.67 -10.38 -5.42
C TYR A 41 21.45 -8.90 -5.10
N ASP A 42 20.99 -8.11 -6.04
CA ASP A 42 21.02 -6.63 -5.93
C ASP A 42 19.67 -5.95 -6.02
N LYS A 43 18.57 -6.73 -6.06
CA LYS A 43 17.25 -6.18 -6.22
C LYS A 43 16.19 -7.16 -5.65
N PRO A 44 15.02 -6.65 -5.26
CA PRO A 44 14.01 -7.55 -4.65
C PRO A 44 13.58 -8.64 -5.61
N MET A 45 13.22 -9.81 -5.05
CA MET A 45 12.85 -10.95 -5.87
C MET A 45 11.73 -10.55 -6.81
N ILE A 46 10.80 -9.71 -6.35
CA ILE A 46 9.62 -9.39 -7.18
C ILE A 46 9.95 -8.64 -8.48
N TYR A 47 11.10 -7.97 -8.54
CA TYR A 47 11.55 -7.35 -9.80
C TYR A 47 11.64 -8.33 -10.94
N TYR A 48 12.04 -9.55 -10.65
CA TYR A 48 12.28 -10.54 -11.69
C TYR A 48 11.02 -10.93 -12.42
N PRO A 49 9.98 -11.44 -11.70
CA PRO A 49 8.73 -11.71 -12.41
C PRO A 49 8.05 -10.49 -13.00
N LEU A 50 8.16 -9.35 -12.34
CA LEU A 50 7.62 -8.11 -12.88
C LEU A 50 8.28 -7.85 -14.22
N SER A 51 9.61 -7.99 -14.27
CA SER A 51 10.34 -7.76 -15.51
C SER A 51 9.88 -8.73 -16.58
N THR A 52 9.59 -9.96 -16.19
CA THR A 52 9.07 -10.95 -17.15
C THR A 52 7.75 -10.47 -17.78
N LEU A 53 6.79 -10.05 -16.96
CA LEU A 53 5.53 -9.49 -17.51
C LEU A 53 5.82 -8.30 -18.43
N MET A 54 6.71 -7.40 -18.01
CA MET A 54 7.04 -6.21 -18.82
C MET A 54 7.64 -6.61 -20.17
N LEU A 55 8.48 -7.64 -20.16
CA LEU A 55 9.10 -8.11 -21.40
C LEU A 55 8.09 -8.76 -22.33
N ALA A 56 7.01 -9.32 -21.78
CA ALA A 56 5.86 -9.77 -22.59
C ALA A 56 4.98 -8.63 -23.15
N GLY A 57 5.29 -7.38 -22.80
CA GLY A 57 4.53 -6.21 -23.25
C GLY A 57 3.39 -5.81 -22.32
N ILE A 58 3.30 -6.45 -21.15
CA ILE A 58 2.16 -6.24 -20.27
C ILE A 58 2.42 -5.04 -19.33
N ARG A 59 1.48 -4.10 -19.31
CA ARG A 59 1.60 -2.86 -18.53
C ARG A 59 0.67 -2.76 -17.33
N GLU A 60 -0.43 -3.51 -17.36
CA GLU A 60 -1.46 -3.47 -16.31
C GLU A 60 -1.35 -4.72 -15.50
N ILE A 61 -0.97 -4.59 -14.24
CA ILE A 61 -0.52 -5.74 -13.46
C ILE A 61 -1.10 -5.70 -12.06
N LEU A 62 -1.61 -6.84 -11.62
CA LEU A 62 -2.17 -7.03 -10.29
C LEU A 62 -1.19 -7.81 -9.45
N ILE A 63 -0.79 -7.27 -8.31
CA ILE A 63 0.08 -7.97 -7.40
C ILE A 63 -0.78 -8.51 -6.27
N ILE A 64 -0.71 -9.81 -6.04
CA ILE A 64 -1.46 -10.48 -4.99
C ILE A 64 -0.46 -10.91 -3.91
N SER A 65 -0.71 -10.44 -2.69
CA SER A 65 0.15 -10.75 -1.55
C SER A 65 -0.72 -10.94 -0.29
N THR A 66 -0.07 -11.23 0.83
CA THR A 66 -0.78 -11.33 2.09
C THR A 66 -1.22 -9.94 2.55
N PRO A 67 -2.23 -9.89 3.43
CA PRO A 67 -2.59 -8.59 4.04
C PRO A 67 -1.39 -7.93 4.72
N GLN A 68 -0.59 -8.73 5.44
CA GLN A 68 0.57 -8.22 6.17
C GLN A 68 1.61 -7.57 5.26
N ASP A 69 1.81 -8.13 4.07
CA ASP A 69 2.92 -7.70 3.19
C ASP A 69 2.53 -6.69 2.09
N THR A 70 1.24 -6.54 1.82
CA THR A 70 0.79 -5.63 0.76
C THR A 70 1.37 -4.20 0.86
N PRO A 71 1.39 -3.60 2.07
CA PRO A 71 1.93 -2.24 2.18
C PRO A 71 3.39 -2.12 1.80
N ARG A 72 4.18 -3.17 2.07
CA ARG A 72 5.59 -3.21 1.68
C ARG A 72 5.77 -3.26 0.16
N PHE A 73 4.97 -4.07 -0.53
CA PHE A 73 4.98 -4.09 -1.99
C PHE A 73 4.57 -2.72 -2.54
N GLN A 74 3.55 -2.11 -1.92
CA GLN A 74 3.08 -0.79 -2.35
C GLN A 74 4.17 0.28 -2.17
N GLN A 75 4.91 0.21 -1.06
CA GLN A 75 6.01 1.17 -0.80
C GLN A 75 7.11 1.02 -1.85
N LEU A 76 7.42 -0.24 -2.17
CA LEU A 76 8.40 -0.54 -3.20
C LEU A 76 7.98 -0.13 -4.60
N LEU A 77 6.76 -0.49 -4.99
CA LEU A 77 6.39 -0.41 -6.40
C LEU A 77 5.43 0.74 -6.75
N GLY A 78 4.70 1.24 -5.75
CA GLY A 78 3.75 2.33 -5.99
C GLY A 78 2.60 1.89 -6.87
N ASP A 79 2.09 2.82 -7.66
CA ASP A 79 0.99 2.50 -8.56
C ASP A 79 1.49 2.25 -9.99
N GLY A 80 2.81 2.28 -10.18
CA GLY A 80 3.43 1.96 -11.46
C GLY A 80 3.74 3.17 -12.33
N SER A 81 3.16 4.32 -11.99
CA SER A 81 3.25 5.51 -12.82
C SER A 81 4.70 5.88 -13.09
N ASN A 82 5.57 5.68 -12.11
CA ASN A 82 6.99 5.98 -12.31
C ASN A 82 7.62 5.16 -13.42
N TRP A 83 7.08 3.98 -13.74
CA TRP A 83 7.71 3.11 -14.76
C TRP A 83 6.87 2.92 -15.97
N GLY A 84 5.86 3.75 -16.15
CA GLY A 84 4.97 3.61 -17.31
C GLY A 84 4.01 2.41 -17.23
N LEU A 85 3.70 1.98 -16.02
CA LEU A 85 2.80 0.85 -15.77
C LEU A 85 1.57 1.32 -14.97
N ASP A 86 0.57 0.45 -14.87
CA ASP A 86 -0.48 0.56 -13.87
C ASP A 86 -0.46 -0.68 -12.98
N LEU A 87 -0.07 -0.51 -11.72
CA LEU A 87 -0.05 -1.62 -10.77
C LEU A 87 -1.23 -1.51 -9.79
N GLN A 88 -1.97 -2.61 -9.63
CA GLN A 88 -3.03 -2.70 -8.65
C GLN A 88 -2.67 -3.80 -7.67
N TYR A 89 -3.34 -3.79 -6.53
CA TYR A 89 -3.03 -4.73 -5.45
C TYR A 89 -4.25 -5.46 -4.96
N ALA A 90 -4.06 -6.71 -4.58
CA ALA A 90 -5.10 -7.48 -3.94
C ALA A 90 -4.46 -8.35 -2.89
N VAL A 91 -5.28 -8.75 -1.94
CA VAL A 91 -4.84 -9.55 -0.83
C VAL A 91 -5.33 -10.99 -0.96
N GLN A 92 -4.53 -11.92 -0.46
CA GLN A 92 -4.92 -13.30 -0.33
C GLN A 92 -4.84 -13.64 1.16
N PRO A 93 -5.98 -13.56 1.87
CA PRO A 93 -5.99 -13.79 3.32
C PRO A 93 -5.44 -15.16 3.76
N SER A 94 -5.71 -16.20 2.97
CA SER A 94 -5.08 -17.50 3.20
C SER A 94 -4.66 -18.14 1.88
N PRO A 95 -3.52 -18.84 1.87
CA PRO A 95 -2.98 -19.39 0.64
C PRO A 95 -3.71 -20.67 0.23
N ASP A 96 -4.74 -20.51 -0.59
CA ASP A 96 -5.64 -21.61 -0.96
C ASP A 96 -5.30 -22.20 -2.33
N GLY A 97 -4.09 -21.92 -2.83
CA GLY A 97 -3.63 -22.45 -4.13
C GLY A 97 -3.41 -21.38 -5.21
N LEU A 98 -2.68 -21.75 -6.26
CA LEU A 98 -2.30 -20.81 -7.32
C LEU A 98 -3.49 -20.36 -8.16
N ALA A 99 -4.44 -21.28 -8.41
CA ALA A 99 -5.61 -20.98 -9.25
C ALA A 99 -6.55 -19.97 -8.63
N GLN A 100 -6.41 -19.72 -7.32
CA GLN A 100 -7.23 -18.72 -6.63
C GLN A 100 -6.98 -17.32 -7.13
N ALA A 101 -5.81 -17.09 -7.73
CA ALA A 101 -5.46 -15.80 -8.31
C ALA A 101 -6.53 -15.32 -9.26
N PHE A 102 -7.16 -16.25 -9.97
CA PHE A 102 -8.18 -15.85 -10.95
C PHE A 102 -9.52 -15.45 -10.36
N LEU A 103 -9.80 -15.90 -9.14
CA LEU A 103 -11.02 -15.51 -8.41
C LEU A 103 -10.75 -14.19 -7.71
N ILE A 104 -9.63 -14.13 -7.00
CA ILE A 104 -9.20 -12.87 -6.40
C ILE A 104 -9.11 -11.79 -7.47
N GLY A 105 -8.61 -12.15 -8.66
CA GLY A 105 -8.40 -11.17 -9.71
C GLY A 105 -9.49 -11.08 -10.75
N GLU A 106 -10.65 -11.69 -10.51
CA GLU A 106 -11.71 -11.69 -11.52
C GLU A 106 -12.08 -10.29 -11.99
N SER A 107 -12.29 -9.36 -11.05
CA SER A 107 -12.72 -8.01 -11.44
C SER A 107 -11.61 -7.23 -12.14
N PHE A 108 -10.37 -7.42 -11.68
CA PHE A 108 -9.20 -6.82 -12.34
C PHE A 108 -9.11 -7.27 -13.79
N ILE A 109 -9.31 -8.56 -14.02
CA ILE A 109 -9.15 -9.16 -15.34
C ILE A 109 -10.27 -8.68 -16.26
N GLY A 110 -11.50 -8.71 -15.75
CA GLY A 110 -12.64 -8.24 -16.51
C GLY A 110 -12.79 -9.14 -17.71
N ASN A 111 -12.87 -8.57 -18.89
CA ASN A 111 -13.09 -9.36 -20.11
C ASN A 111 -11.83 -9.55 -20.96
N ASP A 112 -10.65 -9.38 -20.35
CA ASP A 112 -9.39 -9.39 -21.09
C ASP A 112 -8.68 -10.74 -21.06
N LEU A 113 -7.67 -10.86 -21.91
CA LEU A 113 -6.72 -11.97 -21.83
C LEU A 113 -5.86 -11.72 -20.60
N SER A 114 -5.16 -12.75 -20.11
CA SER A 114 -4.35 -12.58 -18.91
C SER A 114 -3.09 -13.41 -18.94
N ALA A 115 -2.25 -13.13 -17.96
CA ALA A 115 -1.00 -13.86 -17.77
C ALA A 115 -0.76 -13.93 -16.28
N LEU A 116 -0.37 -15.09 -15.81
CA LEU A 116 -0.05 -15.28 -14.41
C LEU A 116 1.43 -15.64 -14.28
N VAL A 117 2.13 -14.97 -13.38
CA VAL A 117 3.50 -15.35 -13.09
C VAL A 117 3.67 -15.51 -11.61
N LEU A 118 4.46 -16.50 -11.21
CA LEU A 118 4.76 -16.69 -9.80
C LEU A 118 5.79 -15.67 -9.36
N GLY A 119 5.55 -15.08 -8.18
CA GLY A 119 6.45 -14.06 -7.62
C GLY A 119 7.87 -14.50 -7.25
N ASP A 120 8.13 -15.82 -7.24
CA ASP A 120 9.48 -16.32 -6.94
C ASP A 120 10.19 -17.04 -8.11
N ASN A 121 9.78 -16.74 -9.32
CA ASN A 121 10.33 -17.38 -10.49
C ASN A 121 11.18 -16.36 -11.24
N LEU A 122 12.38 -16.81 -11.57
CA LEU A 122 13.38 -16.05 -12.31
C LEU A 122 13.70 -16.72 -13.65
N TYR A 123 13.65 -15.98 -14.75
CA TYR A 123 14.03 -16.52 -16.05
C TYR A 123 15.21 -15.75 -16.59
N TYR A 124 16.08 -16.42 -17.34
CA TYR A 124 17.17 -15.74 -18.00
C TYR A 124 17.48 -16.44 -19.33
N GLY A 125 17.59 -15.67 -20.40
CA GLY A 125 18.12 -16.25 -21.61
C GLY A 125 17.92 -15.38 -22.81
N HIS A 126 18.38 -15.89 -23.95
CA HIS A 126 18.49 -15.11 -25.16
C HIS A 126 17.26 -15.23 -25.97
N ASP A 127 16.82 -14.07 -26.47
CA ASP A 127 15.58 -13.88 -27.22
C ASP A 127 14.35 -14.13 -26.35
N PHE A 128 14.52 -13.96 -25.04
CA PHE A 128 13.45 -14.17 -24.08
C PHE A 128 12.31 -13.21 -24.36
N HIS A 129 12.63 -11.92 -24.50
CA HIS A 129 11.64 -10.92 -24.93
C HIS A 129 10.84 -11.43 -26.12
N GLU A 130 11.53 -11.91 -27.13
CA GLU A 130 10.89 -12.42 -28.36
C GLU A 130 10.05 -13.68 -28.12
N LEU A 131 10.52 -14.58 -27.26
CA LEU A 131 9.76 -15.79 -26.86
C LEU A 131 8.46 -15.45 -26.09
N LEU A 132 8.49 -14.42 -25.25
CA LEU A 132 7.28 -13.95 -24.53
C LEU A 132 6.26 -13.30 -25.49
N GLY A 133 6.77 -12.60 -26.51
CA GLY A 133 5.92 -11.97 -27.53
C GLY A 133 5.06 -12.97 -28.27
N SER A 134 5.66 -14.07 -28.72
CA SER A 134 4.93 -15.14 -29.40
C SER A 134 3.84 -15.81 -28.55
N ALA A 135 4.05 -15.83 -27.24
CA ALA A 135 3.04 -16.38 -26.34
C ALA A 135 1.91 -15.37 -26.14
N SER A 136 2.27 -14.10 -25.92
CA SER A 136 1.30 -13.06 -25.62
C SER A 136 0.43 -12.68 -26.84
N GLN A 137 0.99 -12.79 -28.05
CA GLN A 137 0.24 -12.50 -29.28
C GLN A 137 -0.80 -13.58 -29.61
N ARG A 138 -0.51 -14.83 -29.23
CA ARG A 138 -1.49 -15.90 -29.36
C ARG A 138 -2.68 -15.63 -28.45
N GLN A 139 -3.81 -15.31 -29.06
CA GLN A 139 -4.97 -14.80 -28.33
C GLN A 139 -5.90 -15.85 -27.74
N THR A 140 -5.99 -17.01 -28.36
CA THR A 140 -6.95 -18.02 -27.91
C THR A 140 -6.25 -19.15 -27.19
N GLY A 141 -6.97 -19.80 -26.28
CA GLY A 141 -6.43 -20.92 -25.54
C GLY A 141 -5.42 -20.45 -24.50
N ALA A 142 -4.57 -21.39 -24.09
CA ALA A 142 -3.58 -21.18 -23.05
C ALA A 142 -2.19 -21.52 -23.56
N SER A 143 -1.19 -20.82 -23.04
CA SER A 143 0.21 -21.13 -23.35
C SER A 143 1.01 -21.28 -22.08
N VAL A 144 1.78 -22.37 -22.00
CA VAL A 144 2.75 -22.59 -20.94
C VAL A 144 4.08 -22.99 -21.55
N PHE A 145 5.11 -23.01 -20.70
CA PHE A 145 6.46 -23.38 -21.08
C PHE A 145 6.95 -24.59 -20.27
N ALA A 146 7.58 -25.51 -20.97
CA ALA A 146 8.12 -26.72 -20.37
C ALA A 146 9.65 -26.70 -20.37
N TYR A 147 10.24 -27.11 -19.25
CA TYR A 147 11.67 -26.98 -19.03
C TYR A 147 12.25 -28.23 -18.39
N HIS A 148 13.34 -28.73 -18.98
CA HIS A 148 13.98 -29.95 -18.44
C HIS A 148 14.63 -29.68 -17.11
N VAL A 149 14.21 -30.45 -16.10
CA VAL A 149 14.73 -30.33 -14.74
C VAL A 149 15.23 -31.66 -14.20
N LEU A 150 16.05 -31.58 -13.17
CA LEU A 150 16.57 -32.75 -12.45
C LEU A 150 15.51 -33.45 -11.58
N ASP A 151 14.54 -32.67 -11.08
CA ASP A 151 13.61 -33.15 -10.01
C ASP A 151 12.19 -32.84 -10.40
N PRO A 152 11.74 -33.42 -11.52
CA PRO A 152 10.44 -33.11 -12.06
C PRO A 152 9.27 -33.42 -11.10
N GLU A 153 9.51 -34.32 -10.15
CA GLU A 153 8.51 -34.69 -9.12
C GLU A 153 8.08 -33.52 -8.23
N ARG A 154 8.82 -32.41 -8.25
CA ARG A 154 8.47 -31.21 -7.47
C ARG A 154 7.46 -30.33 -8.16
N TYR A 155 7.16 -30.62 -9.42
CA TYR A 155 6.40 -29.73 -10.27
C TYR A 155 5.23 -30.40 -10.95
N GLY A 156 4.49 -29.59 -11.71
CA GLY A 156 3.65 -30.06 -12.79
C GLY A 156 4.50 -30.57 -13.95
N VAL A 157 4.20 -31.80 -14.39
CA VAL A 157 5.02 -32.49 -15.38
C VAL A 157 4.21 -32.75 -16.63
N VAL A 158 4.82 -32.48 -17.80
CA VAL A 158 4.12 -32.65 -19.07
C VAL A 158 4.72 -33.86 -19.80
N GLU A 159 3.83 -34.78 -20.21
CA GLU A 159 4.20 -35.97 -21.01
C GLU A 159 3.95 -35.68 -22.49
N PHE A 160 4.88 -36.14 -23.34
CA PHE A 160 4.83 -35.88 -24.77
C PHE A 160 4.77 -37.22 -25.51
N ASP A 161 4.00 -37.26 -26.60
CA ASP A 161 3.98 -38.47 -27.45
C ASP A 161 5.23 -38.50 -28.36
N GLN A 162 5.38 -39.57 -29.13
CA GLN A 162 6.50 -39.72 -30.06
C GLN A 162 6.69 -38.52 -31.00
N GLY A 163 5.58 -37.92 -31.44
CA GLY A 163 5.63 -36.75 -32.33
C GLY A 163 5.80 -35.40 -31.64
N GLY A 164 6.01 -35.41 -30.32
CA GLY A 164 6.27 -34.17 -29.57
C GLY A 164 5.05 -33.41 -29.11
N LYS A 165 3.86 -33.98 -29.28
CA LYS A 165 2.62 -33.35 -28.85
C LYS A 165 2.40 -33.64 -27.36
N ALA A 166 1.96 -32.64 -26.61
CA ALA A 166 1.68 -32.81 -25.19
C ALA A 166 0.41 -33.64 -25.03
N ILE A 167 0.45 -34.66 -24.20
CA ILE A 167 -0.71 -35.56 -24.03
C ILE A 167 -1.20 -35.75 -22.60
N SER A 168 -0.43 -35.33 -21.60
CA SER A 168 -0.91 -35.38 -20.21
C SER A 168 -0.10 -34.46 -19.30
N LEU A 169 -0.75 -34.00 -18.23
CA LEU A 169 -0.14 -33.17 -17.20
C LEU A 169 -0.39 -33.84 -15.88
N GLU A 170 0.65 -33.93 -15.05
CA GLU A 170 0.48 -34.46 -13.70
C GLU A 170 1.13 -33.52 -12.69
N GLU A 171 0.45 -33.26 -11.59
CA GLU A 171 0.98 -32.42 -10.52
C GLU A 171 1.79 -33.25 -9.53
N LYS A 172 3.08 -32.94 -9.39
CA LYS A 172 3.96 -33.59 -8.43
C LYS A 172 3.85 -35.13 -8.45
N PRO A 173 4.00 -35.73 -9.62
CA PRO A 173 3.89 -37.20 -9.68
C PRO A 173 5.08 -37.88 -9.03
N LEU A 174 4.82 -38.96 -8.32
CA LEU A 174 5.89 -39.72 -7.68
C LEU A 174 6.79 -40.39 -8.70
N GLU A 175 6.25 -40.71 -9.87
CA GLU A 175 7.00 -41.34 -10.94
C GLU A 175 6.71 -40.53 -12.20
N PRO A 176 7.46 -39.43 -12.39
CA PRO A 176 7.23 -38.55 -13.52
C PRO A 176 7.34 -39.27 -14.86
N LYS A 177 6.47 -38.92 -15.80
CA LYS A 177 6.57 -39.51 -17.13
C LYS A 177 7.65 -38.83 -17.98
N SER A 178 8.11 -37.64 -17.58
CA SER A 178 9.24 -36.97 -18.27
C SER A 178 10.00 -36.12 -17.27
N ASN A 179 11.06 -35.45 -17.71
CA ASN A 179 11.76 -34.51 -16.85
C ASN A 179 11.34 -33.06 -17.21
N TYR A 180 10.21 -32.91 -17.88
CA TYR A 180 9.76 -31.60 -18.33
C TYR A 180 8.74 -30.99 -17.38
N ALA A 181 9.20 -30.01 -16.59
CA ALA A 181 8.35 -29.27 -15.67
C ALA A 181 7.70 -28.06 -16.35
N VAL A 182 6.48 -27.74 -15.93
CA VAL A 182 5.78 -26.55 -16.37
C VAL A 182 6.29 -25.41 -15.50
N THR A 183 6.80 -24.36 -16.15
CA THR A 183 7.40 -23.25 -15.42
C THR A 183 6.31 -22.36 -14.84
N GLY A 184 6.71 -21.38 -14.04
CA GLY A 184 5.75 -20.53 -13.35
C GLY A 184 5.31 -19.30 -14.12
N LEU A 185 5.02 -19.48 -15.40
CA LEU A 185 4.47 -18.43 -16.24
C LEU A 185 3.40 -19.00 -17.16
N TYR A 186 2.21 -18.39 -17.15
CA TYR A 186 1.03 -18.95 -17.81
C TYR A 186 0.25 -17.86 -18.56
N PHE A 187 -0.04 -18.08 -19.83
CA PHE A 187 -0.88 -17.15 -20.61
C PHE A 187 -2.28 -17.74 -20.81
N TYR A 188 -3.32 -16.93 -20.57
CA TYR A 188 -4.71 -17.40 -20.66
C TYR A 188 -5.60 -16.48 -21.47
N ASP A 189 -6.55 -17.10 -22.17
CA ASP A 189 -7.63 -16.37 -22.83
C ASP A 189 -8.74 -16.11 -21.82
N GLN A 190 -9.89 -15.66 -22.30
CA GLN A 190 -11.01 -15.21 -21.46
C GLN A 190 -11.75 -16.33 -20.74
N GLN A 191 -11.41 -17.58 -21.02
CA GLN A 191 -12.08 -18.72 -20.39
C GLN A 191 -11.54 -19.08 -19.03
N VAL A 192 -10.42 -18.50 -18.60
CA VAL A 192 -9.76 -18.97 -17.39
C VAL A 192 -10.55 -18.73 -16.11
N VAL A 193 -11.15 -17.55 -15.96
CA VAL A 193 -11.88 -17.26 -14.73
C VAL A 193 -13.01 -18.30 -14.50
N ASP A 194 -13.75 -18.64 -15.55
CA ASP A 194 -14.82 -19.66 -15.43
C ASP A 194 -14.27 -21.06 -15.21
N ILE A 195 -13.11 -21.38 -15.79
CA ILE A 195 -12.46 -22.66 -15.47
C ILE A 195 -12.06 -22.73 -13.99
N ALA A 196 -11.45 -21.65 -13.48
CA ALA A 196 -11.07 -21.59 -12.07
C ALA A 196 -12.29 -21.69 -11.13
N ARG A 197 -13.36 -20.99 -11.48
CA ARG A 197 -14.56 -20.94 -10.63
C ARG A 197 -15.14 -22.33 -10.39
N ASP A 198 -15.04 -23.20 -11.40
CA ASP A 198 -15.54 -24.57 -11.30
C ASP A 198 -14.57 -25.57 -10.64
N LEU A 199 -13.35 -25.15 -10.30
CA LEU A 199 -12.40 -26.03 -9.61
C LEU A 199 -12.85 -26.35 -8.18
N LYS A 200 -12.65 -27.59 -7.76
CA LYS A 200 -12.81 -27.95 -6.34
C LYS A 200 -11.44 -28.33 -5.75
N PRO A 201 -11.18 -27.95 -4.48
CA PRO A 201 -9.86 -28.14 -3.85
C PRO A 201 -9.28 -29.56 -3.93
N SER A 202 -7.96 -29.64 -4.04
CA SER A 202 -7.23 -30.91 -4.08
C SER A 202 -7.13 -31.52 -2.68
N PRO A 203 -6.56 -32.73 -2.55
CA PRO A 203 -6.21 -33.31 -1.25
C PRO A 203 -5.53 -32.35 -0.26
N ARG A 204 -4.63 -31.51 -0.76
CA ARG A 204 -3.94 -30.50 0.07
C ARG A 204 -4.87 -29.33 0.43
N GLY A 205 -6.07 -29.29 -0.15
CA GLY A 205 -7.01 -28.20 0.05
C GLY A 205 -6.62 -26.99 -0.76
N GLU A 206 -6.22 -27.23 -2.01
CA GLU A 206 -5.76 -26.16 -2.90
C GLU A 206 -6.39 -26.21 -4.29
N LEU A 207 -6.71 -25.03 -4.83
CA LEU A 207 -7.12 -24.88 -6.22
C LEU A 207 -5.86 -24.90 -7.10
N GLU A 208 -5.69 -25.99 -7.84
CA GLU A 208 -4.44 -26.30 -8.55
C GLU A 208 -4.40 -25.71 -9.95
N ILE A 209 -3.32 -25.00 -10.28
CA ILE A 209 -3.15 -24.48 -11.63
C ILE A 209 -3.05 -25.62 -12.65
N THR A 210 -2.49 -26.76 -12.27
CA THR A 210 -2.39 -27.89 -13.21
C THR A 210 -3.75 -28.34 -13.73
N ASP A 211 -4.77 -28.29 -12.87
CA ASP A 211 -6.15 -28.62 -13.25
C ASP A 211 -6.71 -27.63 -14.26
N VAL A 212 -6.36 -26.35 -14.10
CA VAL A 212 -6.73 -25.34 -15.09
C VAL A 212 -6.07 -25.67 -16.43
N ASN A 213 -4.77 -25.95 -16.39
CA ASN A 213 -4.02 -26.24 -17.62
C ASN A 213 -4.55 -27.53 -18.28
N ARG A 214 -4.92 -28.51 -17.46
CA ARG A 214 -5.47 -29.77 -18.00
C ARG A 214 -6.83 -29.52 -18.69
N ALA A 215 -7.61 -28.60 -18.15
CA ALA A 215 -8.86 -28.19 -18.78
C ALA A 215 -8.62 -27.74 -20.22
N TYR A 216 -7.68 -26.81 -20.41
CA TYR A 216 -7.33 -26.36 -21.74
C TYR A 216 -6.83 -27.51 -22.64
N LEU A 217 -6.05 -28.42 -22.06
CA LEU A 217 -5.48 -29.55 -22.79
C LEU A 217 -6.58 -30.47 -23.34
N GLU A 218 -7.52 -30.84 -22.48
CA GLU A 218 -8.69 -31.64 -22.88
C GLU A 218 -9.52 -30.98 -23.99
N ARG A 219 -9.56 -29.64 -24.03
CA ARG A 219 -10.26 -28.91 -25.08
C ARG A 219 -9.39 -28.67 -26.30
N GLY A 220 -8.18 -29.22 -26.33
CA GLY A 220 -7.24 -28.99 -27.44
C GLY A 220 -6.79 -27.54 -27.58
N GLN A 221 -6.77 -26.80 -26.48
CA GLN A 221 -6.40 -25.39 -26.52
C GLN A 221 -5.19 -25.08 -25.62
N LEU A 222 -4.36 -26.08 -25.34
CA LEU A 222 -3.09 -25.87 -24.62
C LEU A 222 -1.88 -25.98 -25.53
N SER A 223 -1.12 -24.90 -25.63
CA SER A 223 0.15 -24.83 -26.34
C SER A 223 1.29 -24.92 -25.32
N VAL A 224 2.18 -25.88 -25.52
CA VAL A 224 3.29 -26.13 -24.62
C VAL A 224 4.57 -25.89 -25.42
N GLU A 225 5.24 -24.78 -25.17
CA GLU A 225 6.47 -24.47 -25.89
C GLU A 225 7.62 -24.96 -25.03
N ILE A 226 8.60 -25.64 -25.62
CA ILE A 226 9.77 -26.02 -24.84
C ILE A 226 10.62 -24.77 -24.62
N MET A 227 10.97 -24.55 -23.36
CA MET A 227 11.98 -23.59 -23.01
C MET A 227 13.27 -24.41 -22.94
N GLY A 228 14.14 -24.16 -23.92
CA GLY A 228 15.34 -24.94 -24.14
C GLY A 228 16.39 -24.83 -23.08
N ARG A 229 17.40 -25.71 -23.18
CA ARG A 229 18.46 -25.80 -22.19
C ARG A 229 19.37 -24.56 -22.11
N GLY A 230 19.41 -23.77 -23.17
CA GLY A 230 20.16 -22.51 -23.16
C GLY A 230 19.46 -21.40 -22.38
N TYR A 231 18.29 -21.68 -21.78
CA TYR A 231 17.62 -20.79 -20.84
C TYR A 231 17.83 -21.22 -19.41
N ALA A 232 17.88 -20.25 -18.50
CA ALA A 232 17.88 -20.62 -17.08
C ALA A 232 16.53 -20.29 -16.51
N TRP A 233 15.89 -21.30 -15.93
CA TRP A 233 14.71 -21.07 -15.15
C TRP A 233 15.09 -21.43 -13.78
N LEU A 234 15.06 -20.45 -12.89
CA LEU A 234 15.43 -20.71 -11.52
C LEU A 234 14.25 -20.40 -10.63
N ASP A 235 14.13 -21.14 -9.54
CA ASP A 235 13.26 -20.69 -8.47
C ASP A 235 14.05 -20.67 -7.18
N THR A 236 13.44 -20.00 -6.23
CA THR A 236 14.07 -19.70 -5.00
C THR A 236 13.31 -20.51 -3.95
N GLY A 237 13.23 -21.82 -4.19
CA GLY A 237 12.45 -22.76 -3.37
C GLY A 237 13.08 -23.19 -2.05
N THR A 238 14.41 -23.20 -2.00
CA THR A 238 15.10 -23.52 -0.78
C THR A 238 16.09 -22.39 -0.46
N HIS A 239 16.70 -22.46 0.72
CA HIS A 239 17.71 -21.50 1.09
C HIS A 239 18.87 -21.68 0.18
N ASP A 240 19.17 -22.92 -0.19
CA ASP A 240 20.29 -23.19 -1.08
C ASP A 240 20.02 -22.65 -2.48
N SER A 241 18.81 -22.88 -2.99
CA SER A 241 18.43 -22.39 -4.32
C SER A 241 18.41 -20.84 -4.40
N LEU A 242 17.99 -20.16 -3.33
CA LEU A 242 18.04 -18.68 -3.30
C LEU A 242 19.50 -18.16 -3.36
N LEU A 243 20.39 -18.81 -2.61
CA LEU A 243 21.80 -18.50 -2.69
C LEU A 243 22.36 -18.74 -4.08
N GLU A 244 21.99 -19.86 -4.72
CA GLU A 244 22.49 -20.14 -6.09
C GLU A 244 21.99 -19.11 -7.10
N ALA A 245 20.72 -18.75 -6.99
CA ALA A 245 20.16 -17.72 -7.83
C ALA A 245 20.88 -16.36 -7.73
N GLY A 246 21.17 -15.91 -6.51
CA GLY A 246 21.90 -14.66 -6.30
C GLY A 246 23.29 -14.72 -6.91
N GLN A 247 23.98 -15.85 -6.75
CA GLN A 247 25.34 -16.00 -7.35
C GLN A 247 25.30 -16.02 -8.86
N PHE A 248 24.26 -16.66 -9.43
CA PHE A 248 24.04 -16.70 -10.86
C PHE A 248 23.84 -15.28 -11.44
N ILE A 249 22.95 -14.50 -10.84
CA ILE A 249 22.70 -13.12 -11.27
C ILE A 249 23.99 -12.27 -11.11
N ALA A 250 24.69 -12.45 -10.00
CA ALA A 250 25.92 -11.67 -9.75
C ALA A 250 27.01 -11.98 -10.77
N THR A 251 27.19 -13.25 -11.11
CA THR A 251 28.13 -13.59 -12.17
C THR A 251 27.83 -12.96 -13.53
N LEU A 252 26.58 -13.00 -13.94
CA LEU A 252 26.18 -12.41 -15.20
C LEU A 252 26.32 -10.88 -15.17
N GLU A 253 25.87 -10.27 -14.09
CA GLU A 253 25.84 -8.78 -14.05
C GLU A 253 27.27 -8.20 -13.98
N ASN A 254 28.10 -8.78 -13.13
CA ASN A 254 29.48 -8.38 -12.99
C ASN A 254 30.35 -8.69 -14.21
N ARG A 255 29.95 -9.69 -15.02
CA ARG A 255 30.65 -9.97 -16.26
C ARG A 255 30.25 -8.95 -17.30
N GLN A 256 28.96 -8.70 -17.41
CA GLN A 256 28.44 -7.92 -18.53
C GLN A 256 28.42 -6.42 -18.30
N GLY A 257 28.33 -6.01 -17.04
CA GLY A 257 27.98 -4.63 -16.70
C GLY A 257 26.59 -4.25 -17.18
N LEU A 258 25.68 -5.24 -17.24
CA LEU A 258 24.30 -5.03 -17.59
C LEU A 258 23.49 -5.76 -16.53
N LYS A 259 22.31 -5.26 -16.21
CA LYS A 259 21.51 -5.85 -15.17
C LYS A 259 20.44 -6.78 -15.75
N VAL A 260 20.11 -7.83 -15.00
CA VAL A 260 18.99 -8.67 -15.32
C VAL A 260 17.79 -8.10 -14.58
N ALA A 261 16.67 -7.88 -15.29
CA ALA A 261 15.39 -7.56 -14.66
C ALA A 261 15.44 -6.22 -13.91
N CYS A 262 15.98 -5.21 -14.58
CA CYS A 262 15.93 -3.84 -14.11
C CYS A 262 14.68 -3.23 -14.76
N PRO A 263 13.58 -3.08 -13.98
CA PRO A 263 12.33 -2.58 -14.54
C PRO A 263 12.45 -1.16 -15.18
N GLU A 264 13.23 -0.28 -14.56
CA GLU A 264 13.48 1.08 -15.12
C GLU A 264 14.04 0.96 -16.52
N GLU A 265 15.04 0.09 -16.68
CA GLU A 265 15.66 -0.13 -17.99
C GLU A 265 14.69 -0.65 -19.03
N ILE A 266 13.88 -1.63 -18.63
CA ILE A 266 12.99 -2.30 -19.55
C ILE A 266 11.90 -1.31 -19.99
N ALA A 267 11.39 -0.54 -19.02
CA ALA A 267 10.38 0.47 -19.31
C ALA A 267 10.93 1.48 -20.34
N TYR A 268 12.15 1.93 -20.13
CA TYR A 268 12.83 2.82 -21.06
C TYR A 268 12.98 2.24 -22.46
N ARG A 269 13.46 0.99 -22.52
CA ARG A 269 13.68 0.34 -23.83
C ARG A 269 12.36 0.06 -24.52
N GLN A 270 11.26 -0.08 -23.75
CA GLN A 270 9.94 -0.27 -24.34
C GLN A 270 9.29 1.07 -24.77
N LYS A 271 9.94 2.21 -24.49
CA LYS A 271 9.35 3.54 -24.70
C LYS A 271 8.15 3.86 -23.77
N TRP A 272 8.04 3.18 -22.64
CA TRP A 272 6.96 3.48 -21.69
C TRP A 272 7.33 4.62 -20.79
N ILE A 273 8.63 4.94 -20.73
CA ILE A 273 9.11 6.13 -20.06
C ILE A 273 10.22 6.67 -20.95
N ASP A 274 10.47 7.98 -20.87
CA ASP A 274 11.51 8.61 -21.72
C ASP A 274 12.78 8.94 -20.94
N ALA A 275 13.78 9.48 -21.63
CA ALA A 275 15.04 9.87 -21.00
C ALA A 275 14.87 10.82 -19.82
N ALA A 276 13.97 11.79 -19.93
CA ALA A 276 13.79 12.78 -18.85
C ALA A 276 13.29 12.11 -17.58
N GLN A 277 12.35 11.19 -17.73
CA GLN A 277 11.81 10.43 -16.60
C GLN A 277 12.83 9.44 -16.06
N LEU A 278 13.64 8.85 -16.93
CA LEU A 278 14.65 7.90 -16.49
C LEU A 278 15.67 8.62 -15.64
N GLU A 279 16.10 9.80 -16.12
CA GLU A 279 17.03 10.66 -15.38
C GLU A 279 16.52 10.97 -13.98
N LYS A 280 15.22 11.23 -13.85
CA LYS A 280 14.62 11.49 -12.54
C LYS A 280 14.67 10.27 -11.63
N LEU A 281 14.41 9.08 -12.17
CA LEU A 281 14.46 7.85 -11.37
C LEU A 281 15.88 7.57 -10.86
N ALA A 282 16.87 7.94 -11.67
CA ALA A 282 18.28 7.76 -11.30
C ALA A 282 18.71 8.61 -10.12
N ALA A 283 18.17 9.82 -10.00
CA ALA A 283 18.64 10.81 -9.03
C ALA A 283 18.71 10.31 -7.57
N PRO A 284 17.59 9.83 -7.00
CA PRO A 284 17.66 9.39 -5.60
C PRO A 284 18.63 8.25 -5.32
N LEU A 285 19.01 7.47 -6.33
CA LEU A 285 20.03 6.43 -6.16
C LEU A 285 21.39 6.78 -6.78
N ALA A 286 21.65 8.06 -7.03
CA ALA A 286 22.88 8.48 -7.73
C ALA A 286 24.19 8.01 -7.07
N LYS A 287 24.17 7.86 -5.75
CA LYS A 287 25.38 7.50 -5.00
C LYS A 287 25.67 5.99 -5.00
N ASN A 288 24.68 5.16 -5.40
CA ASN A 288 24.93 3.71 -5.44
C ASN A 288 24.99 3.13 -6.85
N GLY A 289 25.42 1.87 -6.95
CA GLY A 289 25.59 1.21 -8.24
C GLY A 289 24.34 1.20 -9.12
N TYR A 290 23.17 1.14 -8.50
CA TYR A 290 21.93 1.01 -9.27
C TYR A 290 21.56 2.31 -9.99
N GLY A 291 21.55 3.41 -9.27
CA GLY A 291 21.36 4.73 -9.90
C GLY A 291 22.44 5.07 -10.92
N GLN A 292 23.68 4.68 -10.65
CA GLN A 292 24.76 4.92 -11.62
C GLN A 292 24.53 4.12 -12.90
N TYR A 293 23.92 2.93 -12.79
CA TYR A 293 23.61 2.14 -13.99
C TYR A 293 22.55 2.82 -14.82
N LEU A 294 21.50 3.28 -14.17
CA LEU A 294 20.39 3.95 -14.86
C LEU A 294 20.85 5.18 -15.61
N LYS A 295 21.74 5.95 -15.00
CA LYS A 295 22.34 7.12 -15.67
C LYS A 295 23.15 6.74 -16.92
N ARG A 296 23.99 5.71 -16.80
CA ARG A 296 24.74 5.23 -17.98
C ARG A 296 23.83 4.88 -19.17
N LEU A 297 22.66 4.29 -18.88
CA LEU A 297 21.73 3.83 -19.91
C LEU A 297 21.39 4.94 -20.91
N LEU A 298 21.39 6.18 -20.43
CA LEU A 298 21.01 7.35 -21.24
C LEU A 298 21.97 7.67 -22.38
N THR A 299 23.25 7.34 -22.23
CA THR A 299 24.24 7.68 -23.26
C THR A 299 24.71 6.48 -24.09
N GLU A 300 24.63 5.27 -23.53
CA GLU A 300 25.16 4.08 -24.19
C GLU A 300 24.15 3.42 -25.11
N THR A 301 24.60 2.98 -26.29
CA THR A 301 23.82 2.08 -27.14
C THR A 301 24.09 0.61 -26.73
N VAL A 302 23.06 -0.12 -26.34
CA VAL A 302 23.21 -1.54 -26.01
C VAL A 302 22.39 -2.33 -27.03
N TYR A 303 23.02 -3.27 -27.74
CA TYR A 303 22.32 -4.07 -28.73
C TYR A 303 21.67 -5.28 -28.08
N HIS B 2 7.34 -16.74 32.57
CA HIS B 2 8.04 -15.78 33.48
C HIS B 2 8.26 -14.46 32.77
N HIS B 3 7.50 -13.45 33.19
CA HIS B 3 7.52 -12.14 32.52
C HIS B 3 8.08 -11.05 33.38
N HIS B 4 8.51 -9.97 32.71
CA HIS B 4 9.10 -8.81 33.36
C HIS B 4 8.44 -7.55 32.87
N HIS B 5 8.34 -6.55 33.75
CA HIS B 5 7.80 -5.24 33.39
C HIS B 5 8.89 -4.20 33.48
N HIS B 6 8.76 -3.14 32.68
CA HIS B 6 9.74 -2.03 32.69
C HIS B 6 9.08 -0.68 32.69
N MET B 11 1.11 1.33 30.69
CA MET B 11 0.54 0.23 29.87
C MET B 11 0.12 0.71 28.46
N LYS B 12 0.36 -0.13 27.46
CA LYS B 12 0.05 0.21 26.07
C LYS B 12 -1.42 -0.11 25.72
N ARG B 13 -2.06 0.81 25.00
CA ARG B 13 -3.40 0.58 24.50
C ARG B 13 -3.35 0.55 22.97
N LYS B 14 -3.95 -0.48 22.39
CA LYS B 14 -3.95 -0.71 20.95
C LYS B 14 -5.27 -0.21 20.41
N GLY B 15 -5.29 0.23 19.16
CA GLY B 15 -6.50 0.77 18.56
C GLY B 15 -6.99 -0.13 17.45
N ILE B 16 -8.32 -0.16 17.29
CA ILE B 16 -8.93 -0.84 16.16
C ILE B 16 -9.93 0.07 15.47
N ILE B 17 -9.85 0.14 14.14
CA ILE B 17 -10.83 0.86 13.35
C ILE B 17 -11.63 -0.14 12.55
N LEU B 18 -12.94 -0.13 12.77
CA LEU B 18 -13.84 -0.96 12.00
C LEU B 18 -14.31 -0.17 10.79
N ALA B 19 -13.79 -0.55 9.63
CA ALA B 19 -14.07 0.14 8.39
C ALA B 19 -14.76 -0.88 7.48
N GLY B 20 -15.89 -1.39 7.94
CA GLY B 20 -16.55 -2.52 7.31
C GLY B 20 -17.26 -2.17 6.03
N GLY B 21 -17.72 -3.21 5.34
CA GLY B 21 -18.44 -3.07 4.09
C GLY B 21 -19.86 -2.60 4.35
N SER B 22 -20.20 -1.41 3.83
CA SER B 22 -21.55 -0.83 4.06
C SER B 22 -22.60 -1.43 3.11
N GLY B 23 -22.33 -2.62 2.60
CA GLY B 23 -23.25 -3.31 1.69
C GLY B 23 -23.58 -2.49 0.46
N THR B 24 -24.86 -2.46 0.11
CA THR B 24 -25.36 -1.72 -1.04
C THR B 24 -26.07 -0.44 -0.63
N ARG B 25 -26.21 -0.21 0.69
CA ARG B 25 -27.02 0.92 1.20
C ARG B 25 -26.65 2.29 0.64
N LEU B 26 -25.42 2.46 0.18
CA LEU B 26 -24.97 3.74 -0.38
C LEU B 26 -24.55 3.64 -1.85
N HIS B 27 -24.93 2.55 -2.52
CA HIS B 27 -24.74 2.45 -3.97
C HIS B 27 -25.66 3.43 -4.64
N PRO B 28 -25.29 3.88 -5.86
CA PRO B 28 -24.08 3.61 -6.62
C PRO B 28 -22.85 4.46 -6.23
N ALA B 29 -23.04 5.49 -5.41
CA ALA B 29 -21.92 6.32 -4.92
C ALA B 29 -20.71 5.48 -4.52
N THR B 30 -20.97 4.41 -3.75
CA THR B 30 -19.92 3.53 -3.23
C THR B 30 -19.51 2.36 -4.14
N LEU B 31 -20.12 2.26 -5.32
CA LEU B 31 -19.64 1.32 -6.34
C LEU B 31 -18.22 1.69 -6.78
N ALA B 32 -17.94 2.99 -6.82
CA ALA B 32 -16.65 3.51 -7.27
C ALA B 32 -15.61 3.36 -6.16
N ILE B 33 -15.92 3.92 -5.00
CA ILE B 33 -15.00 3.89 -3.86
C ILE B 33 -15.76 3.61 -2.57
N SER B 34 -15.15 2.85 -1.67
CA SER B 34 -15.87 2.36 -0.48
C SER B 34 -16.02 3.42 0.60
N LYS B 35 -16.93 3.17 1.55
CA LYS B 35 -17.52 4.23 2.36
C LYS B 35 -16.51 5.09 3.10
N GLN B 36 -15.60 4.45 3.82
CA GLN B 36 -14.66 5.18 4.66
C GLN B 36 -13.49 5.74 3.84
N LEU B 37 -13.50 5.51 2.52
CA LEU B 37 -12.62 6.22 1.61
C LEU B 37 -13.25 7.47 1.00
N LEU B 38 -14.56 7.67 1.16
CA LEU B 38 -15.18 8.89 0.66
C LEU B 38 -14.71 10.09 1.47
N PRO B 39 -14.54 11.23 0.81
CA PRO B 39 -14.11 12.38 1.55
C PRO B 39 -15.23 13.04 2.36
N VAL B 40 -14.88 13.50 3.54
CA VAL B 40 -15.68 14.48 4.26
C VAL B 40 -14.98 15.84 4.05
N TYR B 41 -15.58 16.68 3.22
CA TYR B 41 -14.99 17.93 2.73
C TYR B 41 -13.67 17.72 1.96
N ASP B 42 -12.55 17.58 2.67
CA ASP B 42 -11.24 17.73 2.08
C ASP B 42 -10.27 16.59 2.38
N LYS B 43 -10.73 15.56 3.08
CA LYS B 43 -9.91 14.40 3.41
C LYS B 43 -10.82 13.18 3.54
N PRO B 44 -10.27 11.97 3.33
CA PRO B 44 -11.04 10.72 3.43
C PRO B 44 -11.65 10.53 4.81
N MET B 45 -12.84 9.92 4.82
CA MET B 45 -13.58 9.74 6.07
C MET B 45 -12.69 9.10 7.11
N ILE B 46 -11.88 8.12 6.70
CA ILE B 46 -11.13 7.37 7.69
C ILE B 46 -10.14 8.19 8.49
N TYR B 47 -9.73 9.36 7.96
CA TYR B 47 -8.84 10.24 8.71
C TYR B 47 -9.43 10.71 10.05
N TYR B 48 -10.75 10.82 10.10
CA TYR B 48 -11.41 11.32 11.31
C TYR B 48 -11.33 10.33 12.50
N PRO B 49 -11.86 9.10 12.37
CA PRO B 49 -11.63 8.14 13.47
C PRO B 49 -10.16 7.82 13.73
N LEU B 50 -9.29 7.88 12.71
CA LEU B 50 -7.84 7.70 12.94
C LEU B 50 -7.32 8.81 13.86
N SER B 51 -7.69 10.05 13.55
CA SER B 51 -7.30 11.19 14.34
C SER B 51 -7.82 11.07 15.76
N THR B 52 -9.02 10.53 15.95
CA THR B 52 -9.53 10.29 17.29
C THR B 52 -8.65 9.35 18.13
N LEU B 53 -8.32 8.18 17.58
CA LEU B 53 -7.39 7.27 18.25
C LEU B 53 -6.05 7.95 18.57
N MET B 54 -5.48 8.66 17.61
CA MET B 54 -4.24 9.40 17.78
C MET B 54 -4.34 10.40 18.92
N LEU B 55 -5.44 11.14 18.97
CA LEU B 55 -5.64 12.12 20.04
C LEU B 55 -5.74 11.49 21.41
N ALA B 56 -6.21 10.24 21.45
CA ALA B 56 -6.17 9.42 22.67
C ALA B 56 -4.79 8.85 23.00
N GLY B 57 -3.78 9.14 22.21
CA GLY B 57 -2.43 8.68 22.49
C GLY B 57 -2.11 7.31 21.91
N ILE B 58 -2.96 6.82 21.02
CA ILE B 58 -2.84 5.47 20.52
C ILE B 58 -2.05 5.48 19.21
N ARG B 59 -1.04 4.63 19.11
CA ARG B 59 -0.10 4.60 17.96
C ARG B 59 -0.13 3.29 17.17
N GLU B 60 -0.48 2.20 17.84
CA GLU B 60 -0.56 0.89 17.22
C GLU B 60 -2.00 0.59 16.90
N ILE B 61 -2.34 0.57 15.62
CA ILE B 61 -3.75 0.56 15.18
C ILE B 61 -4.01 -0.51 14.13
N LEU B 62 -5.02 -1.34 14.37
CA LEU B 62 -5.47 -2.33 13.42
C LEU B 62 -6.73 -1.87 12.66
N ILE B 63 -6.62 -1.85 11.33
CA ILE B 63 -7.75 -1.52 10.47
C ILE B 63 -8.37 -2.79 9.89
N ILE B 64 -9.66 -2.98 10.16
CA ILE B 64 -10.43 -4.12 9.69
C ILE B 64 -11.37 -3.67 8.57
N SER B 65 -11.27 -4.30 7.41
CA SER B 65 -12.14 -3.98 6.30
C SER B 65 -12.36 -5.22 5.48
N THR B 66 -13.16 -5.10 4.43
CA THR B 66 -13.40 -6.23 3.53
C THR B 66 -12.12 -6.53 2.71
N PRO B 67 -12.03 -7.74 2.15
CA PRO B 67 -10.87 -8.06 1.31
C PRO B 67 -10.63 -7.07 0.16
N GLN B 68 -11.71 -6.57 -0.42
CA GLN B 68 -11.63 -5.67 -1.57
C GLN B 68 -11.16 -4.28 -1.13
N ASP B 69 -11.54 -3.87 0.07
CA ASP B 69 -11.23 -2.53 0.55
C ASP B 69 -9.84 -2.45 1.16
N THR B 70 -9.37 -3.55 1.72
CA THR B 70 -8.13 -3.57 2.48
C THR B 70 -6.95 -2.97 1.71
N PRO B 71 -6.73 -3.38 0.45
CA PRO B 71 -5.59 -2.78 -0.28
C PRO B 71 -5.76 -1.31 -0.63
N ARG B 72 -7.01 -0.84 -0.71
CA ARG B 72 -7.28 0.57 -0.93
C ARG B 72 -6.92 1.40 0.33
N PHE B 73 -7.29 0.90 1.51
CA PHE B 73 -6.85 1.53 2.76
C PHE B 73 -5.32 1.51 2.92
N GLN B 74 -4.71 0.41 2.50
CA GLN B 74 -3.26 0.23 2.60
C GLN B 74 -2.54 1.21 1.65
N GLN B 75 -3.10 1.42 0.47
CA GLN B 75 -2.53 2.38 -0.46
C GLN B 75 -2.63 3.79 0.08
N LEU B 76 -3.76 4.13 0.71
CA LEU B 76 -3.92 5.45 1.35
C LEU B 76 -2.94 5.70 2.49
N LEU B 77 -2.89 4.77 3.43
CA LEU B 77 -2.29 4.99 4.75
C LEU B 77 -0.94 4.29 4.96
N GLY B 78 -0.68 3.21 4.23
CA GLY B 78 0.60 2.51 4.38
C GLY B 78 0.69 1.83 5.73
N ASP B 79 1.91 1.69 6.25
CA ASP B 79 2.13 1.11 7.56
C ASP B 79 2.10 2.14 8.69
N GLY B 80 1.88 3.41 8.34
CA GLY B 80 1.75 4.49 9.32
C GLY B 80 3.04 5.17 9.74
N SER B 81 4.19 4.58 9.37
CA SER B 81 5.46 5.01 9.94
C SER B 81 5.80 6.46 9.59
N ASN B 82 5.27 6.95 8.47
CA ASN B 82 5.37 8.37 8.12
C ASN B 82 4.77 9.33 9.16
N TRP B 83 3.81 8.83 9.95
CA TRP B 83 3.11 9.62 10.95
C TRP B 83 3.38 9.13 12.33
N GLY B 84 4.41 8.31 12.50
CA GLY B 84 4.78 7.75 13.81
C GLY B 84 3.83 6.72 14.35
N LEU B 85 3.11 6.06 13.44
CA LEU B 85 2.14 5.01 13.79
C LEU B 85 2.62 3.62 13.31
N ASP B 86 1.97 2.58 13.83
CA ASP B 86 2.17 1.21 13.41
C ASP B 86 0.79 0.69 13.05
N LEU B 87 0.45 0.80 11.76
CA LEU B 87 -0.83 0.40 11.24
C LEU B 87 -0.74 -1.03 10.75
N GLN B 88 -1.69 -1.87 11.14
CA GLN B 88 -1.81 -3.24 10.68
C GLN B 88 -3.20 -3.44 10.09
N TYR B 89 -3.37 -4.51 9.34
CA TYR B 89 -4.59 -4.71 8.60
C TYR B 89 -5.09 -6.11 8.78
N ALA B 90 -6.41 -6.23 8.85
CA ALA B 90 -7.04 -7.52 8.89
C ALA B 90 -8.32 -7.46 8.07
N VAL B 91 -8.68 -8.60 7.50
CA VAL B 91 -9.83 -8.68 6.59
C VAL B 91 -11.08 -9.12 7.37
N GLN B 92 -12.23 -8.52 7.08
CA GLN B 92 -13.51 -9.02 7.59
C GLN B 92 -14.26 -9.65 6.43
N PRO B 93 -14.22 -11.00 6.32
CA PRO B 93 -14.91 -11.70 5.24
C PRO B 93 -16.39 -11.38 5.11
N SER B 94 -17.08 -11.25 6.24
CA SER B 94 -18.53 -11.11 6.24
C SER B 94 -19.00 -10.07 7.26
N PRO B 95 -20.07 -9.32 6.95
CA PRO B 95 -20.58 -8.38 7.95
C PRO B 95 -21.29 -9.12 9.09
N ASP B 96 -20.51 -9.66 10.03
CA ASP B 96 -21.07 -10.51 11.10
C ASP B 96 -21.13 -9.82 12.47
N GLY B 97 -21.13 -8.49 12.47
CA GLY B 97 -21.32 -7.73 13.70
C GLY B 97 -20.07 -6.99 14.16
N LEU B 98 -20.29 -5.92 14.90
CA LEU B 98 -19.22 -5.04 15.37
C LEU B 98 -18.32 -5.73 16.41
N ALA B 99 -18.90 -6.65 17.19
CA ALA B 99 -18.13 -7.37 18.21
C ALA B 99 -17.09 -8.33 17.61
N GLN B 100 -17.35 -8.84 16.40
CA GLN B 100 -16.39 -9.69 15.68
C GLN B 100 -14.99 -9.07 15.58
N ALA B 101 -14.91 -7.74 15.67
CA ALA B 101 -13.62 -7.03 15.69
C ALA B 101 -12.62 -7.63 16.69
N PHE B 102 -13.11 -8.09 17.85
CA PHE B 102 -12.23 -8.65 18.90
C PHE B 102 -11.77 -10.09 18.63
N LEU B 103 -12.54 -10.83 17.85
CA LEU B 103 -12.11 -12.15 17.41
C LEU B 103 -11.13 -12.03 16.24
N ILE B 104 -11.47 -11.26 15.22
CA ILE B 104 -10.55 -10.96 14.12
C ILE B 104 -9.26 -10.34 14.67
N GLY B 105 -9.41 -9.44 15.63
CA GLY B 105 -8.29 -8.71 16.19
C GLY B 105 -7.66 -9.35 17.41
N GLU B 106 -8.00 -10.61 17.69
CA GLU B 106 -7.52 -11.26 18.91
C GLU B 106 -6.00 -11.22 19.09
N SER B 107 -5.24 -11.63 18.09
CA SER B 107 -3.78 -11.75 18.27
C SER B 107 -3.09 -10.38 18.23
N PHE B 108 -3.66 -9.44 17.47
CA PHE B 108 -3.19 -8.05 17.47
C PHE B 108 -3.23 -7.47 18.88
N ILE B 109 -4.36 -7.61 19.56
CA ILE B 109 -4.53 -7.04 20.89
C ILE B 109 -3.57 -7.72 21.86
N GLY B 110 -3.52 -9.04 21.78
CA GLY B 110 -2.65 -9.82 22.66
C GLY B 110 -3.11 -9.64 24.08
N ASN B 111 -2.20 -9.17 24.93
CA ASN B 111 -2.51 -9.01 26.34
C ASN B 111 -2.76 -7.55 26.74
N ASP B 112 -2.95 -6.68 25.75
CA ASP B 112 -2.97 -5.25 26.00
C ASP B 112 -4.38 -4.68 26.17
N LEU B 113 -4.43 -3.42 26.59
CA LEU B 113 -5.66 -2.64 26.59
C LEU B 113 -6.02 -2.34 25.13
N SER B 114 -7.29 -2.04 24.88
CA SER B 114 -7.74 -1.69 23.53
C SER B 114 -8.71 -0.50 23.49
N ALA B 115 -8.89 0.02 22.27
CA ALA B 115 -9.93 0.99 21.94
C ALA B 115 -10.48 0.65 20.55
N LEU B 116 -11.79 0.64 20.42
CA LEU B 116 -12.46 0.37 19.15
C LEU B 116 -13.21 1.64 18.73
N VAL B 117 -13.02 2.04 17.47
CA VAL B 117 -13.74 3.17 16.91
C VAL B 117 -14.36 2.78 15.57
N LEU B 118 -15.58 3.26 15.33
CA LEU B 118 -16.26 3.04 14.05
C LEU B 118 -15.67 3.96 12.98
N GLY B 119 -15.46 3.40 11.80
CA GLY B 119 -14.90 4.12 10.65
C GLY B 119 -15.70 5.33 10.17
N ASP B 120 -16.99 5.41 10.46
CA ASP B 120 -17.78 6.55 10.00
C ASP B 120 -18.19 7.54 11.10
N ASN B 121 -17.55 7.50 12.25
CA ASN B 121 -17.85 8.48 13.28
C ASN B 121 -16.86 9.62 13.23
N LEU B 122 -17.36 10.85 13.29
CA LEU B 122 -16.50 12.04 13.47
C LEU B 122 -16.88 12.83 14.73
N TYR B 123 -15.87 13.26 15.47
CA TYR B 123 -16.09 14.01 16.69
C TYR B 123 -15.41 15.34 16.54
N TYR B 124 -15.98 16.39 17.13
CA TYR B 124 -15.31 17.68 17.18
C TYR B 124 -15.68 18.37 18.49
N GLY B 125 -14.69 18.95 19.15
CA GLY B 125 -14.98 19.87 20.25
C GLY B 125 -13.79 20.21 21.12
N HIS B 126 -14.02 21.07 22.11
CA HIS B 126 -12.96 21.60 22.95
C HIS B 126 -12.44 20.59 23.91
N ASP B 127 -11.11 20.45 23.89
CA ASP B 127 -10.35 19.47 24.65
C ASP B 127 -10.97 18.07 24.65
N PHE B 128 -11.34 17.65 23.44
CA PHE B 128 -11.63 16.27 23.15
C PHE B 128 -10.42 15.44 23.57
N HIS B 129 -9.22 15.95 23.26
CA HIS B 129 -7.96 15.39 23.79
C HIS B 129 -7.95 15.07 25.27
N GLU B 130 -8.45 15.99 26.08
CA GLU B 130 -8.54 15.80 27.54
C GLU B 130 -9.60 14.78 27.90
N LEU B 131 -10.74 14.86 27.23
CA LEU B 131 -11.85 13.91 27.42
C LEU B 131 -11.43 12.46 27.13
N LEU B 132 -10.65 12.26 26.09
CA LEU B 132 -10.15 10.94 25.72
C LEU B 132 -9.10 10.45 26.73
N GLY B 133 -8.30 11.38 27.27
CA GLY B 133 -7.28 11.07 28.27
C GLY B 133 -7.84 10.37 29.49
N SER B 134 -8.92 10.91 30.04
CA SER B 134 -9.61 10.30 31.17
C SER B 134 -9.94 8.85 30.90
N ALA B 135 -10.54 8.59 29.75
CA ALA B 135 -10.89 7.24 29.35
C ALA B 135 -9.64 6.38 29.10
N SER B 136 -8.66 6.90 28.38
CA SER B 136 -7.47 6.12 28.01
C SER B 136 -6.67 5.70 29.26
N GLN B 137 -6.70 6.54 30.30
CA GLN B 137 -5.88 6.33 31.51
C GLN B 137 -6.38 5.22 32.45
N ARG B 138 -7.69 5.07 32.62
CA ARG B 138 -8.18 4.01 33.52
C ARG B 138 -7.88 2.61 32.95
N GLN B 139 -6.97 1.90 33.61
CA GLN B 139 -6.36 0.68 33.07
C GLN B 139 -7.19 -0.58 33.36
N THR B 140 -8.36 -0.43 33.97
CA THR B 140 -9.27 -1.56 34.23
C THR B 140 -10.72 -1.21 33.85
N GLY B 141 -11.47 -2.22 33.45
CA GLY B 141 -12.85 -2.05 33.00
C GLY B 141 -12.97 -1.45 31.60
N ALA B 142 -14.19 -1.04 31.26
CA ALA B 142 -14.49 -0.38 30.01
C ALA B 142 -15.00 1.06 30.19
N SER B 143 -14.88 1.87 29.14
CA SER B 143 -15.34 3.28 29.11
C SER B 143 -16.03 3.56 27.79
N VAL B 144 -17.23 4.13 27.86
CA VAL B 144 -17.98 4.56 26.70
C VAL B 144 -18.44 5.99 26.94
N PHE B 145 -18.90 6.63 25.88
CA PHE B 145 -19.38 8.00 25.93
C PHE B 145 -20.82 8.03 25.49
N ALA B 146 -21.61 8.81 26.22
CA ALA B 146 -23.03 8.94 25.96
C ALA B 146 -23.29 10.35 25.46
N TYR B 147 -24.12 10.47 24.44
CA TYR B 147 -24.36 11.76 23.79
C TYR B 147 -25.83 11.93 23.47
N HIS B 148 -26.38 13.06 23.86
CA HIS B 148 -27.78 13.36 23.60
C HIS B 148 -28.06 13.50 22.12
N VAL B 149 -28.97 12.69 21.59
CA VAL B 149 -29.34 12.74 20.18
C VAL B 149 -30.84 12.84 20.00
N LEU B 150 -31.23 13.27 18.81
CA LEU B 150 -32.63 13.37 18.45
C LEU B 150 -33.28 12.00 18.16
N ASP B 151 -32.49 11.06 17.67
CA ASP B 151 -33.00 9.76 17.18
C ASP B 151 -32.29 8.59 17.85
N PRO B 152 -32.46 8.47 19.18
CA PRO B 152 -31.76 7.45 19.94
C PRO B 152 -32.03 6.01 19.47
N GLU B 153 -33.19 5.79 18.85
CA GLU B 153 -33.58 4.49 18.22
C GLU B 153 -32.51 3.89 17.33
N ARG B 154 -31.63 4.70 16.74
CA ARG B 154 -30.66 4.20 15.76
C ARG B 154 -29.41 3.63 16.39
N TYR B 155 -29.29 3.79 17.70
CA TYR B 155 -28.05 3.51 18.42
C TYR B 155 -28.27 2.59 19.59
N GLY B 156 -27.16 2.20 20.21
CA GLY B 156 -27.19 1.66 21.56
C GLY B 156 -27.58 2.83 22.46
N VAL B 157 -28.47 2.58 23.41
CA VAL B 157 -29.03 3.65 24.24
C VAL B 157 -28.73 3.34 25.69
N VAL B 158 -28.31 4.35 26.45
CA VAL B 158 -28.03 4.15 27.86
C VAL B 158 -29.12 4.81 28.70
N GLU B 159 -29.60 4.06 29.70
CA GLU B 159 -30.53 4.57 30.73
C GLU B 159 -29.79 4.86 32.04
N PHE B 160 -30.12 6.00 32.65
CA PHE B 160 -29.52 6.43 33.91
C PHE B 160 -30.59 6.44 35.02
N ASP B 161 -30.19 6.18 36.25
CA ASP B 161 -31.10 6.38 37.40
C ASP B 161 -31.04 7.84 37.86
N GLN B 162 -31.77 8.16 38.93
CA GLN B 162 -31.95 9.54 39.39
C GLN B 162 -30.64 10.23 39.77
N GLY B 163 -29.66 9.45 40.22
CA GLY B 163 -28.35 9.98 40.58
C GLY B 163 -27.34 9.94 39.46
N GLY B 164 -27.80 9.66 38.23
CA GLY B 164 -26.96 9.67 37.04
C GLY B 164 -26.08 8.44 36.83
N LYS B 165 -26.41 7.33 37.49
CA LYS B 165 -25.67 6.08 37.30
C LYS B 165 -26.33 5.28 36.18
N ALA B 166 -25.53 4.75 35.25
CA ALA B 166 -26.06 3.93 34.17
C ALA B 166 -26.66 2.63 34.72
N ILE B 167 -27.89 2.33 34.36
CA ILE B 167 -28.57 1.13 34.86
C ILE B 167 -28.93 0.11 33.76
N SER B 168 -28.98 0.53 32.50
CA SER B 168 -29.21 -0.38 31.38
C SER B 168 -28.72 0.13 30.03
N LEU B 169 -28.45 -0.81 29.14
CA LEU B 169 -28.07 -0.54 27.77
C LEU B 169 -28.95 -1.36 26.86
N GLU B 170 -29.49 -0.74 25.82
CA GLU B 170 -30.32 -1.45 24.85
C GLU B 170 -29.84 -1.13 23.43
N GLU B 171 -29.82 -2.15 22.57
CA GLU B 171 -29.40 -1.98 21.19
C GLU B 171 -30.56 -1.58 20.28
N LYS B 172 -30.49 -0.36 19.74
CA LYS B 172 -31.46 0.15 18.78
C LYS B 172 -32.91 -0.07 19.23
N PRO B 173 -33.25 0.34 20.45
CA PRO B 173 -34.60 0.07 20.97
C PRO B 173 -35.67 0.86 20.20
N LEU B 174 -36.78 0.21 19.90
CA LEU B 174 -37.92 0.87 19.27
C LEU B 174 -38.58 1.86 20.22
N GLU B 175 -38.38 1.64 21.53
CA GLU B 175 -38.90 2.52 22.58
C GLU B 175 -37.75 2.87 23.53
N PRO B 176 -36.94 3.88 23.12
CA PRO B 176 -35.75 4.23 23.88
C PRO B 176 -36.06 4.67 25.30
N LYS B 177 -35.23 4.28 26.27
CA LYS B 177 -35.40 4.75 27.63
C LYS B 177 -34.85 6.17 27.90
N SER B 178 -34.03 6.69 26.99
CA SER B 178 -33.46 8.02 27.15
C SER B 178 -33.08 8.54 25.77
N ASN B 179 -32.59 9.76 25.70
CA ASN B 179 -32.09 10.28 24.40
C ASN B 179 -30.56 10.16 24.29
N TYR B 180 -29.96 9.42 25.22
CA TYR B 180 -28.52 9.27 25.29
C TYR B 180 -28.06 8.03 24.52
N ALA B 181 -27.43 8.27 23.36
CA ALA B 181 -26.84 7.23 22.56
C ALA B 181 -25.39 7.01 22.98
N VAL B 182 -24.95 5.76 22.88
CA VAL B 182 -23.58 5.42 23.10
C VAL B 182 -22.85 5.67 21.77
N THR B 183 -21.77 6.44 21.80
CA THR B 183 -21.12 6.85 20.55
C THR B 183 -20.23 5.68 20.07
N GLY B 184 -19.68 5.79 18.87
CA GLY B 184 -18.96 4.68 18.27
C GLY B 184 -17.49 4.64 18.65
N LEU B 185 -17.19 4.86 19.94
CA LEU B 185 -15.81 4.86 20.44
C LEU B 185 -15.82 4.19 21.81
N TYR B 186 -15.06 3.12 21.96
CA TYR B 186 -15.12 2.28 23.15
C TYR B 186 -13.70 1.98 23.63
N PHE B 187 -13.48 2.10 24.94
CA PHE B 187 -12.22 1.71 25.58
C PHE B 187 -12.42 0.42 26.40
N TYR B 188 -11.49 -0.53 26.24
CA TYR B 188 -11.61 -1.85 26.90
C TYR B 188 -10.32 -2.30 27.56
N ASP B 189 -10.46 -3.05 28.66
CA ASP B 189 -9.31 -3.67 29.32
C ASP B 189 -9.06 -5.06 28.71
N GLN B 190 -8.20 -5.84 29.37
CA GLN B 190 -7.80 -7.16 28.90
C GLN B 190 -8.90 -8.20 28.84
N GLN B 191 -10.07 -7.90 29.39
CA GLN B 191 -11.17 -8.88 29.48
C GLN B 191 -12.04 -8.98 28.23
N VAL B 192 -11.92 -7.99 27.35
CA VAL B 192 -12.86 -7.85 26.24
C VAL B 192 -12.85 -9.04 25.27
N VAL B 193 -11.68 -9.58 24.97
CA VAL B 193 -11.63 -10.69 24.02
C VAL B 193 -12.38 -11.91 24.54
N ASP B 194 -12.21 -12.20 25.83
CA ASP B 194 -12.87 -13.34 26.48
C ASP B 194 -14.37 -13.12 26.62
N ILE B 195 -14.75 -11.90 26.99
CA ILE B 195 -16.17 -11.54 27.01
C ILE B 195 -16.78 -11.75 25.62
N ALA B 196 -16.04 -11.35 24.58
CA ALA B 196 -16.52 -11.40 23.19
C ALA B 196 -16.63 -12.83 22.67
N ARG B 197 -15.74 -13.70 23.12
CA ARG B 197 -15.77 -15.10 22.69
C ARG B 197 -17.05 -15.82 23.17
N ASP B 198 -17.62 -15.36 24.28
CA ASP B 198 -18.83 -15.95 24.87
C ASP B 198 -20.15 -15.46 24.26
N LEU B 199 -20.10 -14.57 23.27
CA LEU B 199 -21.31 -14.00 22.68
C LEU B 199 -21.93 -14.93 21.63
N LYS B 200 -23.24 -14.81 21.45
CA LYS B 200 -23.98 -15.56 20.43
C LYS B 200 -24.72 -14.58 19.53
N PRO B 201 -24.94 -14.95 18.24
CA PRO B 201 -25.70 -14.09 17.33
C PRO B 201 -27.02 -13.57 17.94
N SER B 202 -27.32 -12.30 17.71
CA SER B 202 -28.56 -11.68 18.14
C SER B 202 -29.70 -12.06 17.18
N PRO B 203 -30.96 -11.80 17.55
CA PRO B 203 -32.09 -11.87 16.62
C PRO B 203 -31.83 -11.30 15.21
N ARG B 204 -30.92 -10.34 15.11
CA ARG B 204 -30.53 -9.74 13.82
C ARG B 204 -29.41 -10.54 13.12
N GLY B 205 -28.74 -11.41 13.88
CA GLY B 205 -27.71 -12.32 13.35
C GLY B 205 -26.29 -11.81 13.50
N GLU B 206 -26.03 -11.05 14.56
CA GLU B 206 -24.73 -10.39 14.72
C GLU B 206 -24.16 -10.46 16.14
N LEU B 207 -22.83 -10.31 16.23
CA LEU B 207 -22.13 -10.14 17.49
C LEU B 207 -22.15 -8.66 17.81
N GLU B 208 -22.92 -8.28 18.83
CA GLU B 208 -23.25 -6.86 19.09
C GLU B 208 -22.42 -6.22 20.20
N ILE B 209 -21.87 -5.04 19.94
CA ILE B 209 -21.05 -4.32 20.91
C ILE B 209 -21.82 -4.02 22.19
N THR B 210 -23.13 -3.78 22.07
CA THR B 210 -23.96 -3.54 23.24
C THR B 210 -23.91 -4.71 24.24
N ASP B 211 -23.88 -5.94 23.73
CA ASP B 211 -23.75 -7.12 24.59
C ASP B 211 -22.42 -7.12 25.34
N VAL B 212 -21.35 -6.70 24.67
CA VAL B 212 -20.05 -6.54 25.31
C VAL B 212 -20.09 -5.51 26.42
N ASN B 213 -20.75 -4.38 26.15
CA ASN B 213 -20.80 -3.30 27.12
C ASN B 213 -21.67 -3.63 28.33
N ARG B 214 -22.72 -4.40 28.11
CA ARG B 214 -23.59 -4.87 29.21
C ARG B 214 -22.85 -5.84 30.14
N ALA B 215 -21.92 -6.62 29.58
CA ALA B 215 -21.15 -7.56 30.38
C ALA B 215 -20.33 -6.79 31.40
N TYR B 216 -19.69 -5.70 30.97
CA TYR B 216 -18.95 -4.86 31.89
C TYR B 216 -19.87 -4.18 32.90
N LEU B 217 -21.00 -3.67 32.42
CA LEU B 217 -21.96 -2.99 33.29
C LEU B 217 -22.38 -3.92 34.45
N GLU B 218 -22.69 -5.17 34.11
CA GLU B 218 -23.12 -6.17 35.10
C GLU B 218 -22.05 -6.58 36.11
N ARG B 219 -20.78 -6.34 35.80
CA ARG B 219 -19.68 -6.51 36.75
C ARG B 219 -19.29 -5.22 37.44
N GLY B 220 -20.05 -4.16 37.19
CA GLY B 220 -19.75 -2.85 37.73
C GLY B 220 -18.46 -2.29 37.17
N GLN B 221 -18.12 -2.63 35.94
CA GLN B 221 -16.84 -2.20 35.37
C GLN B 221 -16.97 -1.34 34.10
N LEU B 222 -18.14 -0.73 33.93
CA LEU B 222 -18.40 0.16 32.82
C LEU B 222 -18.45 1.59 33.30
N SER B 223 -17.63 2.44 32.70
CA SER B 223 -17.71 3.86 32.93
C SER B 223 -18.45 4.45 31.72
N VAL B 224 -19.49 5.24 31.98
CA VAL B 224 -20.21 5.99 30.97
C VAL B 224 -19.98 7.48 31.24
N GLU B 225 -19.09 8.11 30.48
CA GLU B 225 -18.93 9.57 30.60
C GLU B 225 -19.83 10.29 29.63
N ILE B 226 -20.35 11.44 30.05
CA ILE B 226 -21.21 12.20 29.18
C ILE B 226 -20.33 13.00 28.23
N MET B 227 -20.64 12.92 26.95
CA MET B 227 -20.09 13.81 25.97
C MET B 227 -21.10 14.92 25.79
N GLY B 228 -20.77 16.10 26.30
CA GLY B 228 -21.72 17.22 26.38
C GLY B 228 -22.13 17.84 25.08
N ARG B 229 -23.15 18.68 25.16
CA ARG B 229 -23.79 19.28 23.98
C ARG B 229 -22.88 20.21 23.15
N GLY B 230 -21.84 20.72 23.79
CA GLY B 230 -20.84 21.50 23.07
C GLY B 230 -19.84 20.67 22.26
N TYR B 231 -19.97 19.35 22.29
CA TYR B 231 -19.26 18.51 21.33
C TYR B 231 -20.20 18.20 20.16
N ALA B 232 -19.61 18.08 18.98
CA ALA B 232 -20.30 17.60 17.79
C ALA B 232 -19.90 16.15 17.56
N TRP B 233 -20.88 15.25 17.61
CA TRP B 233 -20.67 13.87 17.17
C TRP B 233 -21.56 13.68 15.99
N LEU B 234 -20.94 13.48 14.83
CA LEU B 234 -21.69 13.34 13.60
C LEU B 234 -21.52 11.94 13.02
N ASP B 235 -22.57 11.49 12.33
CA ASP B 235 -22.63 10.19 11.69
C ASP B 235 -22.56 10.47 10.20
N THR B 236 -21.78 9.69 9.46
CA THR B 236 -21.56 9.94 8.05
C THR B 236 -21.99 8.78 7.17
N GLY B 237 -22.99 8.01 7.60
CA GLY B 237 -23.39 6.81 6.88
C GLY B 237 -24.59 6.87 5.95
N THR B 238 -25.14 8.06 5.72
CA THR B 238 -26.17 8.26 4.71
C THR B 238 -25.71 9.38 3.76
N HIS B 239 -26.29 9.46 2.56
CA HIS B 239 -25.91 10.54 1.61
C HIS B 239 -26.17 11.89 2.21
N ASP B 240 -27.32 12.07 2.85
CA ASP B 240 -27.66 13.36 3.51
C ASP B 240 -26.70 13.73 4.63
N SER B 241 -26.32 12.75 5.46
CA SER B 241 -25.50 13.01 6.64
C SER B 241 -24.04 13.24 6.27
N LEU B 242 -23.56 12.57 5.24
CA LEU B 242 -22.20 12.81 4.72
C LEU B 242 -22.07 14.27 4.24
N LEU B 243 -23.09 14.73 3.52
CA LEU B 243 -23.12 16.07 2.96
C LEU B 243 -23.19 17.12 4.07
N GLU B 244 -24.01 16.84 5.09
CA GLU B 244 -24.06 17.68 6.31
C GLU B 244 -22.73 17.72 7.08
N ALA B 245 -22.07 16.59 7.21
CA ALA B 245 -20.74 16.52 7.84
C ALA B 245 -19.69 17.34 7.06
N GLY B 246 -19.72 17.23 5.72
CA GLY B 246 -18.84 18.01 4.83
C GLY B 246 -18.99 19.52 5.05
N GLN B 247 -20.24 19.99 5.03
CA GLN B 247 -20.59 21.39 5.25
CA GLN B 247 -20.53 21.42 5.23
C GLN B 247 -20.08 21.88 6.62
N PHE B 248 -20.28 21.05 7.64
CA PHE B 248 -19.88 21.37 9.01
C PHE B 248 -18.34 21.54 9.10
N ILE B 249 -17.58 20.57 8.60
CA ILE B 249 -16.11 20.69 8.63
C ILE B 249 -15.65 21.89 7.79
N ALA B 250 -16.24 22.08 6.62
CA ALA B 250 -15.92 23.19 5.71
C ALA B 250 -16.08 24.56 6.39
N THR B 251 -17.19 24.73 7.10
CA THR B 251 -17.44 25.95 7.85
C THR B 251 -16.42 26.21 8.92
N LEU B 252 -16.11 25.20 9.73
CA LEU B 252 -15.07 25.34 10.74
C LEU B 252 -13.65 25.64 10.13
N GLU B 253 -13.24 24.87 9.13
CA GLU B 253 -11.89 25.01 8.54
C GLU B 253 -11.73 26.34 7.83
N ASN B 254 -12.75 26.74 7.10
CA ASN B 254 -12.74 28.00 6.41
C ASN B 254 -12.81 29.21 7.34
N ARG B 255 -13.45 29.07 8.49
CA ARG B 255 -13.41 30.12 9.51
C ARG B 255 -12.05 30.23 10.19
N GLN B 256 -11.51 29.09 10.61
CA GLN B 256 -10.36 29.07 11.45
C GLN B 256 -9.00 29.16 10.73
N GLY B 257 -8.95 28.70 9.49
CA GLY B 257 -7.67 28.41 8.82
C GLY B 257 -6.92 27.28 9.50
N LEU B 258 -7.65 26.38 10.18
CA LEU B 258 -7.08 25.22 10.83
C LEU B 258 -7.87 23.99 10.41
N LYS B 259 -7.23 22.82 10.39
CA LYS B 259 -7.89 21.63 9.89
C LYS B 259 -8.36 20.73 11.03
N VAL B 260 -9.49 20.08 10.82
CA VAL B 260 -9.97 19.06 11.74
C VAL B 260 -9.45 17.71 11.25
N ALA B 261 -8.80 16.97 12.14
CA ALA B 261 -8.46 15.59 11.84
C ALA B 261 -7.39 15.46 10.77
N CYS B 262 -6.32 16.21 10.95
CA CYS B 262 -5.16 16.18 10.07
C CYS B 262 -4.08 15.34 10.79
N PRO B 263 -3.91 14.07 10.37
CA PRO B 263 -3.05 13.13 11.14
C PRO B 263 -1.58 13.58 11.28
N GLU B 264 -1.06 14.19 10.23
CA GLU B 264 0.29 14.75 10.19
C GLU B 264 0.43 15.82 11.25
N GLU B 265 -0.57 16.72 11.33
CA GLU B 265 -0.57 17.74 12.35
C GLU B 265 -0.57 17.14 13.74
N ILE B 266 -1.43 16.12 13.95
CA ILE B 266 -1.58 15.53 15.26
C ILE B 266 -0.32 14.79 15.70
N ALA B 267 0.32 14.07 14.78
CA ALA B 267 1.54 13.34 15.13
C ALA B 267 2.70 14.32 15.45
N TYR B 268 2.74 15.43 14.74
CA TYR B 268 3.72 16.49 15.00
C TYR B 268 3.52 17.10 16.39
N ARG B 269 2.28 17.41 16.73
CA ARG B 269 2.00 18.03 18.02
C ARG B 269 2.17 17.04 19.15
N GLN B 270 1.98 15.74 18.86
CA GLN B 270 2.16 14.66 19.84
C GLN B 270 3.65 14.31 20.06
N LYS B 271 4.52 14.86 19.22
CA LYS B 271 5.97 14.57 19.19
C LYS B 271 6.27 13.18 18.63
N TRP B 272 5.38 12.65 17.78
CA TRP B 272 5.61 11.35 17.16
C TRP B 272 6.41 11.45 15.93
N ILE B 273 6.41 12.62 15.31
CA ILE B 273 7.28 12.94 14.19
C ILE B 273 7.78 14.35 14.44
N ASP B 274 8.96 14.68 13.90
CA ASP B 274 9.55 15.98 14.15
C ASP B 274 9.43 16.87 12.92
N ALA B 275 9.92 18.10 13.05
CA ALA B 275 9.77 19.11 12.01
C ALA B 275 10.34 18.72 10.64
N ALA B 276 11.43 17.96 10.63
CA ALA B 276 12.09 17.56 9.38
C ALA B 276 11.21 16.54 8.65
N GLN B 277 10.67 15.59 9.40
CA GLN B 277 9.78 14.61 8.82
C GLN B 277 8.49 15.26 8.29
N LEU B 278 7.93 16.19 9.07
CA LEU B 278 6.77 16.95 8.61
C LEU B 278 7.08 17.73 7.33
N GLU B 279 8.30 18.23 7.19
CA GLU B 279 8.68 18.94 5.97
C GLU B 279 8.73 17.97 4.78
N LYS B 280 9.28 16.79 4.97
CA LYS B 280 9.23 15.74 3.94
C LYS B 280 7.81 15.47 3.44
N LEU B 281 6.85 15.37 4.38
CA LEU B 281 5.45 15.08 4.03
C LEU B 281 4.79 16.24 3.29
N ALA B 282 5.15 17.45 3.65
CA ALA B 282 4.64 18.65 3.01
C ALA B 282 5.09 18.77 1.55
N ALA B 283 6.26 18.22 1.24
CA ALA B 283 6.86 18.30 -0.11
C ALA B 283 5.90 17.92 -1.26
N PRO B 284 5.55 16.62 -1.38
CA PRO B 284 4.72 16.18 -2.52
C PRO B 284 3.34 16.83 -2.61
N LEU B 285 2.84 17.35 -1.48
CA LEU B 285 1.52 17.98 -1.42
C LEU B 285 1.58 19.50 -1.54
N ALA B 286 2.75 20.06 -1.81
CA ALA B 286 2.94 21.53 -1.86
C ALA B 286 2.10 22.23 -2.93
N LYS B 287 1.62 21.45 -3.90
CA LYS B 287 0.80 21.99 -4.99
C LYS B 287 -0.64 22.35 -4.59
N ASN B 288 -1.02 22.09 -3.33
CA ASN B 288 -2.40 22.31 -2.87
C ASN B 288 -2.51 22.87 -1.45
N GLY B 289 -3.74 23.18 -1.04
CA GLY B 289 -4.01 23.72 0.29
C GLY B 289 -3.52 22.87 1.46
N TYR B 290 -3.51 21.54 1.28
CA TYR B 290 -3.16 20.61 2.36
C TYR B 290 -1.65 20.59 2.67
N GLY B 291 -0.83 20.50 1.63
CA GLY B 291 0.63 20.57 1.79
C GLY B 291 1.07 21.93 2.26
N GLN B 292 0.42 22.97 1.74
CA GLN B 292 0.70 24.34 2.16
C GLN B 292 0.30 24.55 3.62
N TYR B 293 -0.78 23.92 4.04
CA TYR B 293 -1.17 23.93 5.44
C TYR B 293 -0.11 23.25 6.30
N LEU B 294 0.36 22.07 5.89
CA LEU B 294 1.41 21.40 6.65
C LEU B 294 2.66 22.30 6.75
N LYS B 295 2.98 22.98 5.65
CA LYS B 295 4.17 23.86 5.60
C LYS B 295 4.02 24.98 6.62
N ARG B 296 2.86 25.63 6.64
CA ARG B 296 2.59 26.70 7.59
C ARG B 296 2.71 26.27 9.05
N LEU B 297 2.38 25.00 9.35
CA LEU B 297 2.47 24.48 10.73
C LEU B 297 3.91 24.49 11.26
N LEU B 298 4.89 24.47 10.36
CA LEU B 298 6.30 24.46 10.77
C LEU B 298 6.78 25.79 11.34
N THR B 299 6.13 26.88 10.96
CA THR B 299 6.54 28.21 11.41
C THR B 299 5.55 28.92 12.36
N GLU B 300 4.29 28.49 12.39
CA GLU B 300 3.25 29.16 13.19
C GLU B 300 3.04 28.54 14.57
N THR B 301 2.87 29.37 15.59
CA THR B 301 2.47 28.88 16.90
C THR B 301 0.94 28.84 16.97
N VAL B 302 0.38 27.67 17.15
CA VAL B 302 -1.07 27.55 17.33
C VAL B 302 -1.30 27.07 18.76
N TYR B 303 -2.08 27.83 19.53
CA TYR B 303 -2.38 27.48 20.94
C TYR B 303 -3.55 26.52 21.05
N MET C 11 -26.55 11.62 -39.50
CA MET C 11 -25.20 11.08 -39.20
C MET C 11 -25.06 10.74 -37.72
N LYS C 12 -24.27 9.70 -37.41
CA LYS C 12 -24.03 9.31 -36.02
C LYS C 12 -22.98 10.23 -35.40
N ARG C 13 -23.19 10.56 -34.14
CA ARG C 13 -22.23 11.33 -33.38
C ARG C 13 -21.67 10.46 -32.25
N LYS C 14 -20.35 10.43 -32.13
CA LYS C 14 -19.68 9.66 -31.08
C LYS C 14 -19.33 10.60 -29.92
N GLY C 15 -19.29 10.06 -28.71
CA GLY C 15 -19.02 10.86 -27.51
C GLY C 15 -17.72 10.53 -26.81
N ILE C 16 -17.05 11.56 -26.32
CA ILE C 16 -15.85 11.36 -25.51
C ILE C 16 -16.06 12.03 -24.18
N ILE C 17 -15.71 11.34 -23.10
CA ILE C 17 -15.69 11.96 -21.78
C ILE C 17 -14.24 12.04 -21.37
N LEU C 18 -13.74 13.25 -21.16
CA LEU C 18 -12.37 13.41 -20.70
C LEU C 18 -12.35 13.57 -19.18
N ALA C 19 -11.95 12.51 -18.49
CA ALA C 19 -11.85 12.50 -17.03
C ALA C 19 -10.37 12.50 -16.69
N GLY C 20 -9.75 13.65 -16.93
CA GLY C 20 -8.30 13.76 -16.83
C GLY C 20 -7.86 13.85 -15.40
N GLY C 21 -6.55 13.72 -15.20
CA GLY C 21 -5.95 13.80 -13.87
C GLY C 21 -5.94 15.23 -13.36
N SER C 22 -6.27 15.40 -12.08
CA SER C 22 -6.19 16.70 -11.41
C SER C 22 -4.99 16.72 -10.47
N GLY C 23 -3.91 16.07 -10.89
CA GLY C 23 -2.67 16.00 -10.12
C GLY C 23 -2.87 15.70 -8.64
N THR C 24 -2.44 16.65 -7.81
CA THR C 24 -2.59 16.54 -6.36
C THR C 24 -3.31 17.79 -5.83
N ARG C 25 -4.21 18.35 -6.62
CA ARG C 25 -4.97 19.55 -6.23
C ARG C 25 -6.03 19.25 -5.18
N LEU C 26 -6.60 18.03 -5.22
CA LEU C 26 -7.65 17.60 -4.30
C LEU C 26 -7.16 16.55 -3.28
N HIS C 27 -5.85 16.41 -3.14
CA HIS C 27 -5.27 15.51 -2.14
C HIS C 27 -5.52 16.08 -0.75
N PRO C 28 -5.71 15.20 0.25
CA PRO C 28 -5.69 13.73 0.19
C PRO C 28 -7.02 13.09 -0.17
N ALA C 29 -8.06 13.89 -0.37
CA ALA C 29 -9.38 13.34 -0.74
C ALA C 29 -9.23 12.36 -1.91
N THR C 30 -8.51 12.78 -2.95
CA THR C 30 -8.33 11.95 -4.17
C THR C 30 -7.20 10.91 -4.13
N LEU C 31 -6.42 10.86 -3.05
CA LEU C 31 -5.51 9.72 -2.82
C LEU C 31 -6.35 8.47 -2.54
N ALA C 32 -7.47 8.66 -1.84
CA ALA C 32 -8.42 7.58 -1.57
C ALA C 32 -9.06 7.01 -2.85
N ILE C 33 -9.29 7.87 -3.86
CA ILE C 33 -9.98 7.50 -5.11
C ILE C 33 -10.06 8.73 -6.02
N SER C 34 -9.86 8.58 -7.33
CA SER C 34 -9.75 9.76 -8.22
C SER C 34 -11.05 10.53 -8.43
N LYS C 35 -10.95 11.76 -8.93
CA LYS C 35 -11.96 12.78 -8.62
C LYS C 35 -13.30 12.53 -9.30
N GLN C 36 -13.29 12.06 -10.55
CA GLN C 36 -14.52 11.79 -11.27
C GLN C 36 -15.21 10.52 -10.78
N LEU C 37 -14.59 9.81 -9.85
CA LEU C 37 -15.25 8.73 -9.11
C LEU C 37 -15.83 9.19 -7.76
N LEU C 38 -15.53 10.41 -7.32
CA LEU C 38 -16.14 10.92 -6.10
C LEU C 38 -17.63 11.15 -6.31
N PRO C 39 -18.44 11.00 -5.25
CA PRO C 39 -19.87 11.16 -5.46
C PRO C 39 -20.28 12.61 -5.44
N VAL C 40 -21.23 12.96 -6.28
CA VAL C 40 -21.96 14.22 -6.12
C VAL C 40 -23.34 13.84 -5.56
N TYR C 41 -23.51 14.13 -4.28
CA TYR C 41 -24.59 13.66 -3.43
C TYR C 41 -24.69 12.14 -3.37
N ASP C 42 -25.30 11.52 -4.35
CA ASP C 42 -25.72 10.12 -4.23
C ASP C 42 -25.25 9.20 -5.35
N LYS C 43 -24.45 9.71 -6.29
CA LYS C 43 -23.95 8.90 -7.41
C LYS C 43 -22.59 9.43 -7.87
N PRO C 44 -21.77 8.59 -8.52
CA PRO C 44 -20.43 9.06 -8.96
C PRO C 44 -20.45 10.27 -9.91
N MET C 45 -19.48 11.17 -9.74
CA MET C 45 -19.38 12.36 -10.59
C MET C 45 -19.53 12.02 -12.08
N ILE C 46 -18.95 10.91 -12.51
CA ILE C 46 -18.95 10.61 -13.93
C ILE C 46 -20.34 10.31 -14.53
N TYR C 47 -21.30 9.93 -13.68
CA TYR C 47 -22.68 9.74 -14.14
C TYR C 47 -23.31 10.99 -14.77
N TYR C 48 -22.91 12.18 -14.30
CA TYR C 48 -23.48 13.44 -14.82
C TYR C 48 -23.06 13.75 -16.26
N PRO C 49 -21.74 13.80 -16.55
CA PRO C 49 -21.34 13.97 -17.96
C PRO C 49 -21.77 12.81 -18.88
N LEU C 50 -21.82 11.60 -18.34
CA LEU C 50 -22.35 10.47 -19.11
C LEU C 50 -23.82 10.74 -19.47
N SER C 51 -24.58 11.20 -18.49
CA SER C 51 -26.00 11.50 -18.70
C SER C 51 -26.19 12.59 -19.71
N THR C 52 -25.31 13.60 -19.68
CA THR C 52 -25.38 14.66 -20.66
C THR C 52 -25.24 14.08 -22.08
N LEU C 53 -24.27 13.19 -22.30
CA LEU C 53 -24.07 12.59 -23.60
C LEU C 53 -25.29 11.79 -24.00
N MET C 54 -25.81 11.02 -23.05
CA MET C 54 -26.98 10.20 -23.28
C MET C 54 -28.19 11.05 -23.63
N LEU C 55 -28.30 12.24 -23.04
CA LEU C 55 -29.43 13.13 -23.32
C LEU C 55 -29.34 13.79 -24.70
N ALA C 56 -28.12 13.87 -25.25
CA ALA C 56 -27.92 14.27 -26.63
C ALA C 56 -28.14 13.13 -27.63
N GLY C 57 -28.56 11.96 -27.16
CA GLY C 57 -28.81 10.81 -28.06
C GLY C 57 -27.55 10.00 -28.37
N ILE C 58 -26.48 10.21 -27.62
CA ILE C 58 -25.19 9.59 -27.95
C ILE C 58 -24.99 8.30 -27.17
N ARG C 59 -24.79 7.18 -27.88
CA ARG C 59 -24.66 5.86 -27.22
C ARG C 59 -23.25 5.27 -27.23
N GLU C 60 -22.43 5.72 -28.16
CA GLU C 60 -21.08 5.21 -28.33
C GLU C 60 -20.12 6.21 -27.74
N ILE C 61 -19.54 5.85 -26.61
CA ILE C 61 -18.77 6.81 -25.82
C ILE C 61 -17.40 6.28 -25.42
N LEU C 62 -16.36 7.11 -25.63
CA LEU C 62 -15.01 6.81 -25.19
C LEU C 62 -14.68 7.58 -23.91
N ILE C 63 -14.27 6.87 -22.87
CA ILE C 63 -13.84 7.47 -21.62
C ILE C 63 -12.31 7.49 -21.59
N ILE C 64 -11.76 8.70 -21.61
CA ILE C 64 -10.32 8.91 -21.47
C ILE C 64 -9.98 9.34 -20.05
N SER C 65 -9.02 8.65 -19.43
CA SER C 65 -8.51 9.03 -18.11
C SER C 65 -7.06 8.59 -17.90
N THR C 66 -6.58 8.65 -16.66
CA THR C 66 -5.19 8.33 -16.40
C THR C 66 -4.97 6.82 -16.49
N PRO C 67 -3.70 6.40 -16.60
CA PRO C 67 -3.48 4.95 -16.59
C PRO C 67 -3.99 4.28 -15.32
N GLN C 68 -3.87 4.97 -14.19
CA GLN C 68 -4.33 4.45 -12.92
C GLN C 68 -5.85 4.50 -12.76
N ASP C 69 -6.49 5.52 -13.34
CA ASP C 69 -7.93 5.70 -13.14
C ASP C 69 -8.78 4.95 -14.15
N THR C 70 -8.28 4.81 -15.37
CA THR C 70 -9.09 4.22 -16.45
C THR C 70 -9.61 2.84 -16.08
N PRO C 71 -8.79 1.99 -15.42
CA PRO C 71 -9.29 0.69 -15.01
C PRO C 71 -10.41 0.77 -13.97
N ARG C 72 -10.38 1.77 -13.10
CA ARG C 72 -11.45 1.96 -12.11
C ARG C 72 -12.77 2.36 -12.81
N PHE C 73 -12.71 3.23 -13.80
CA PHE C 73 -13.91 3.57 -14.60
C PHE C 73 -14.43 2.31 -15.31
N GLN C 74 -13.51 1.53 -15.87
CA GLN C 74 -13.86 0.27 -16.51
C GLN C 74 -14.51 -0.69 -15.51
N GLN C 75 -13.94 -0.79 -14.31
CA GLN C 75 -14.52 -1.63 -13.24
C GLN C 75 -15.92 -1.15 -12.78
N LEU C 76 -16.16 0.16 -12.80
CA LEU C 76 -17.48 0.74 -12.46
C LEU C 76 -18.56 0.55 -13.55
N LEU C 77 -18.22 0.94 -14.77
CA LEU C 77 -19.18 1.10 -15.85
C LEU C 77 -19.19 -0.02 -16.88
N GLY C 78 -18.08 -0.74 -17.01
CA GLY C 78 -17.95 -1.83 -17.97
C GLY C 78 -18.07 -1.37 -19.41
N ASP C 79 -18.72 -2.19 -20.24
CA ASP C 79 -18.88 -1.86 -21.66
C ASP C 79 -20.18 -1.08 -21.94
N GLY C 80 -21.00 -0.89 -20.92
CA GLY C 80 -22.22 -0.11 -21.09
C GLY C 80 -23.42 -0.92 -21.56
N SER C 81 -23.19 -2.19 -21.92
CA SER C 81 -24.27 -3.06 -22.43
C SER C 81 -25.48 -3.12 -21.50
N ASN C 82 -25.24 -3.09 -20.19
CA ASN C 82 -26.35 -3.04 -19.21
C ASN C 82 -27.30 -1.85 -19.38
N TRP C 83 -26.82 -0.76 -20.01
CA TRP C 83 -27.61 0.46 -20.20
C TRP C 83 -27.83 0.78 -21.65
N GLY C 84 -27.61 -0.20 -22.53
CA GLY C 84 -27.79 0.01 -23.96
C GLY C 84 -26.76 0.95 -24.54
N LEU C 85 -25.57 1.03 -23.92
CA LEU C 85 -24.48 1.85 -24.44
C LEU C 85 -23.36 1.00 -25.03
N ASP C 86 -22.46 1.68 -25.72
CA ASP C 86 -21.24 1.09 -26.25
C ASP C 86 -20.06 1.90 -25.71
N LEU C 87 -19.56 1.50 -24.53
CA LEU C 87 -18.45 2.21 -23.88
C LEU C 87 -17.08 1.58 -24.18
N GLN C 88 -16.11 2.43 -24.51
CA GLN C 88 -14.72 2.04 -24.68
C GLN C 88 -13.86 2.95 -23.83
N TYR C 89 -12.60 2.55 -23.61
CA TYR C 89 -11.69 3.23 -22.71
C TYR C 89 -10.35 3.47 -23.36
N ALA C 90 -9.75 4.60 -23.06
CA ALA C 90 -8.40 4.91 -23.46
C ALA C 90 -7.72 5.71 -22.36
N VAL C 91 -6.40 5.65 -22.37
CA VAL C 91 -5.57 6.30 -21.39
C VAL C 91 -4.97 7.57 -21.97
N GLN C 92 -4.90 8.62 -21.15
CA GLN C 92 -4.04 9.76 -21.39
C GLN C 92 -2.85 9.66 -20.44
N PRO C 93 -1.63 9.34 -20.95
CA PRO C 93 -0.42 9.25 -20.14
C PRO C 93 -0.15 10.45 -19.23
N SER C 94 -0.14 11.65 -19.80
CA SER C 94 0.19 12.86 -19.06
C SER C 94 -0.87 13.94 -19.25
N PRO C 95 -1.17 14.72 -18.20
CA PRO C 95 -2.12 15.83 -18.35
C PRO C 95 -1.56 16.93 -19.27
N ASP C 96 -1.51 16.65 -20.58
CA ASP C 96 -0.86 17.51 -21.57
C ASP C 96 -1.87 18.29 -22.44
N GLY C 97 -3.02 18.64 -21.86
CA GLY C 97 -4.03 19.41 -22.56
C GLY C 97 -5.25 18.59 -22.92
N LEU C 98 -6.39 19.28 -22.98
CA LEU C 98 -7.68 18.66 -23.25
C LEU C 98 -7.77 18.21 -24.73
N ALA C 99 -7.09 18.94 -25.61
CA ALA C 99 -7.10 18.68 -27.05
C ALA C 99 -6.44 17.36 -27.43
N GLN C 100 -5.62 16.81 -26.54
CA GLN C 100 -5.06 15.47 -26.74
C GLN C 100 -6.14 14.40 -26.82
N ALA C 101 -7.32 14.68 -26.24
CA ALA C 101 -8.46 13.78 -26.33
C ALA C 101 -8.74 13.36 -27.77
N PHE C 102 -8.56 14.27 -28.72
CA PHE C 102 -8.85 13.99 -30.13
C PHE C 102 -7.76 13.13 -30.80
N LEU C 103 -6.51 13.29 -30.37
CA LEU C 103 -5.39 12.48 -30.85
C LEU C 103 -5.45 11.08 -30.26
N ILE C 104 -5.63 11.01 -28.94
CA ILE C 104 -5.84 9.74 -28.24
C ILE C 104 -7.06 9.04 -28.82
N GLY C 105 -8.06 9.82 -29.20
CA GLY C 105 -9.35 9.29 -29.62
C GLY C 105 -9.55 9.21 -31.11
N GLU C 106 -8.51 9.51 -31.88
CA GLU C 106 -8.60 9.52 -33.36
C GLU C 106 -9.23 8.24 -33.94
N SER C 107 -8.75 7.06 -33.56
CA SER C 107 -9.25 5.82 -34.16
C SER C 107 -10.72 5.53 -33.78
N PHE C 108 -11.09 5.87 -32.54
CA PHE C 108 -12.48 5.76 -32.06
C PHE C 108 -13.42 6.65 -32.87
N ILE C 109 -13.02 7.90 -33.07
CA ILE C 109 -13.84 8.85 -33.83
C ILE C 109 -14.02 8.43 -35.29
N GLY C 110 -12.99 7.86 -35.89
CA GLY C 110 -13.07 7.40 -37.27
C GLY C 110 -13.39 8.55 -38.18
N ASN C 111 -14.41 8.42 -39.02
CA ASN C 111 -14.83 9.52 -39.88
C ASN C 111 -16.17 10.12 -39.45
N ASP C 112 -16.53 9.94 -38.18
CA ASP C 112 -17.82 10.41 -37.67
C ASP C 112 -17.71 11.76 -36.95
N LEU C 113 -18.86 12.40 -36.79
CA LEU C 113 -19.01 13.60 -35.98
C LEU C 113 -18.76 13.20 -34.52
N SER C 114 -18.45 14.18 -33.69
CA SER C 114 -18.19 13.89 -32.28
C SER C 114 -18.72 14.94 -31.30
N ALA C 115 -18.73 14.56 -30.02
CA ALA C 115 -18.99 15.47 -28.91
C ALA C 115 -17.98 15.17 -27.79
N LEU C 116 -17.44 16.21 -27.17
CA LEU C 116 -16.56 16.07 -26.02
C LEU C 116 -17.20 16.73 -24.80
N VAL C 117 -17.16 16.04 -23.67
CA VAL C 117 -17.62 16.59 -22.39
C VAL C 117 -16.54 16.40 -21.33
N LEU C 118 -16.32 17.40 -20.48
CA LEU C 118 -15.35 17.29 -19.40
C LEU C 118 -15.98 16.52 -18.25
N GLY C 119 -15.20 15.67 -17.59
CA GLY C 119 -15.68 14.76 -16.55
C GLY C 119 -16.22 15.39 -15.27
N ASP C 120 -15.83 16.63 -14.99
CA ASP C 120 -16.27 17.30 -13.76
C ASP C 120 -17.31 18.41 -14.01
N ASN C 121 -18.05 18.30 -15.10
CA ASN C 121 -19.04 19.33 -15.45
C ASN C 121 -20.45 18.78 -15.28
N LEU C 122 -21.31 19.57 -14.63
CA LEU C 122 -22.70 19.20 -14.33
C LEU C 122 -23.67 20.20 -14.94
N TYR C 123 -24.72 19.71 -15.58
CA TYR C 123 -25.71 20.57 -16.21
C TYR C 123 -27.07 20.21 -15.63
N TYR C 124 -27.88 21.24 -15.35
CA TYR C 124 -29.27 21.03 -14.98
C TYR C 124 -30.15 22.11 -15.62
N GLY C 125 -31.24 21.70 -16.25
CA GLY C 125 -32.27 22.64 -16.61
C GLY C 125 -33.36 22.09 -17.50
N HIS C 126 -34.32 22.96 -17.82
CA HIS C 126 -35.51 22.53 -18.54
C HIS C 126 -35.24 22.49 -20.01
N ASP C 127 -35.62 21.36 -20.64
CA ASP C 127 -35.41 21.10 -22.06
C ASP C 127 -33.92 21.17 -22.47
N PHE C 128 -33.05 20.81 -21.53
CA PHE C 128 -31.64 20.57 -21.82
C PHE C 128 -31.55 19.56 -22.95
N HIS C 129 -32.41 18.54 -22.86
CA HIS C 129 -32.57 17.53 -23.92
C HIS C 129 -32.75 18.16 -25.28
N GLU C 130 -33.63 19.15 -25.38
CA GLU C 130 -33.91 19.84 -26.64
C GLU C 130 -32.76 20.77 -27.02
N LEU C 131 -32.09 21.38 -26.04
CA LEU C 131 -30.91 22.23 -26.32
C LEU C 131 -29.75 21.40 -26.90
N LEU C 132 -29.58 20.17 -26.44
CA LEU C 132 -28.54 19.27 -26.96
C LEU C 132 -28.87 18.81 -28.40
N GLY C 133 -30.16 18.56 -28.65
CA GLY C 133 -30.65 18.17 -29.96
C GLY C 133 -30.30 19.16 -31.06
N SER C 134 -30.47 20.45 -30.78
CA SER C 134 -30.16 21.50 -31.75
C SER C 134 -28.70 21.49 -32.21
N ALA C 135 -27.79 21.36 -31.24
CA ALA C 135 -26.36 21.30 -31.55
C ALA C 135 -25.98 19.95 -32.18
N SER C 136 -26.63 18.88 -31.74
CA SER C 136 -26.28 17.53 -32.16
C SER C 136 -26.49 17.33 -33.67
N GLN C 137 -27.46 18.06 -34.22
CA GLN C 137 -27.88 17.86 -35.61
C GLN C 137 -27.19 18.77 -36.62
N ARG C 138 -26.57 19.87 -36.16
CA ARG C 138 -25.71 20.67 -37.04
C ARG C 138 -24.51 19.84 -37.48
N GLN C 139 -24.59 19.29 -38.69
CA GLN C 139 -23.61 18.30 -39.17
C GLN C 139 -22.34 18.92 -39.77
N THR C 140 -22.25 20.25 -39.72
CA THR C 140 -21.09 20.98 -40.19
C THR C 140 -20.62 21.94 -39.09
N GLY C 141 -19.32 22.17 -39.02
CA GLY C 141 -18.75 23.11 -38.05
C GLY C 141 -18.76 22.59 -36.63
N ALA C 142 -18.62 23.51 -35.68
CA ALA C 142 -18.58 23.17 -34.26
C ALA C 142 -19.57 24.00 -33.47
N SER C 143 -20.05 23.43 -32.37
CA SER C 143 -21.01 24.09 -31.49
C SER C 143 -20.54 24.05 -30.04
N VAL C 144 -20.46 25.23 -29.42
CA VAL C 144 -20.19 25.35 -27.99
C VAL C 144 -21.28 26.20 -27.34
N PHE C 145 -21.26 26.24 -26.00
CA PHE C 145 -22.28 26.94 -25.24
C PHE C 145 -21.64 27.97 -24.34
N ALA C 146 -22.22 29.16 -24.31
CA ALA C 146 -21.72 30.25 -23.49
C ALA C 146 -22.64 30.45 -22.30
N TYR C 147 -22.06 30.62 -21.12
CA TYR C 147 -22.83 30.76 -19.87
C TYR C 147 -22.33 31.98 -19.12
N HIS C 148 -23.23 32.81 -18.64
CA HIS C 148 -22.82 33.96 -17.85
C HIS C 148 -22.30 33.49 -16.51
N VAL C 149 -21.07 33.89 -16.16
CA VAL C 149 -20.46 33.52 -14.88
C VAL C 149 -19.89 34.75 -14.18
N LEU C 150 -19.61 34.58 -12.90
CA LEU C 150 -19.09 35.65 -12.06
C LEU C 150 -17.56 35.81 -12.19
N ASP C 151 -16.86 34.71 -12.45
CA ASP C 151 -15.39 34.69 -12.47
C ASP C 151 -14.86 34.17 -13.81
N PRO C 152 -15.10 34.93 -14.90
CA PRO C 152 -14.77 34.40 -16.24
C PRO C 152 -13.30 34.02 -16.44
N GLU C 153 -12.40 34.62 -15.65
CA GLU C 153 -10.94 34.34 -15.71
C GLU C 153 -10.53 32.87 -15.54
N ARG C 154 -11.39 32.07 -14.91
CA ARG C 154 -11.10 30.64 -14.76
C ARG C 154 -11.29 29.86 -16.04
N TYR C 155 -11.95 30.45 -17.04
CA TYR C 155 -12.43 29.70 -18.20
C TYR C 155 -11.99 30.27 -19.54
N GLY C 156 -12.32 29.53 -20.59
CA GLY C 156 -12.32 30.07 -21.95
C GLY C 156 -13.42 31.12 -22.02
N VAL C 157 -13.06 32.34 -22.40
CA VAL C 157 -14.02 33.42 -22.46
C VAL C 157 -14.36 33.77 -23.89
N VAL C 158 -15.65 33.93 -24.17
CA VAL C 158 -16.12 34.30 -25.49
C VAL C 158 -16.57 35.76 -25.50
N GLU C 159 -16.01 36.55 -26.42
CA GLU C 159 -16.44 37.94 -26.67
C GLU C 159 -17.44 38.01 -27.81
N PHE C 160 -18.50 38.80 -27.62
CA PHE C 160 -19.52 39.06 -28.64
C PHE C 160 -19.47 40.53 -29.03
N ASP C 161 -19.95 40.85 -30.23
CA ASP C 161 -20.11 42.24 -30.67
C ASP C 161 -21.55 42.74 -30.43
N GLN C 162 -21.93 43.85 -31.05
CA GLN C 162 -23.23 44.47 -30.80
C GLN C 162 -24.41 43.62 -31.25
N GLY C 163 -24.20 42.81 -32.29
CA GLY C 163 -25.26 41.93 -32.81
C GLY C 163 -25.22 40.55 -32.18
N GLY C 164 -24.34 40.36 -31.19
CA GLY C 164 -24.23 39.09 -30.49
C GLY C 164 -23.55 37.99 -31.29
N LYS C 165 -22.61 38.38 -32.16
CA LYS C 165 -21.83 37.42 -32.92
C LYS C 165 -20.47 37.21 -32.25
N ALA C 166 -20.04 35.96 -32.16
CA ALA C 166 -18.79 35.60 -31.47
C ALA C 166 -17.57 36.07 -32.27
N ILE C 167 -16.77 36.96 -31.68
CA ILE C 167 -15.65 37.58 -32.38
C ILE C 167 -14.26 37.26 -31.80
N SER C 168 -14.19 36.69 -30.60
CA SER C 168 -12.90 36.24 -30.05
C SER C 168 -13.06 35.20 -28.93
N LEU C 169 -12.01 34.39 -28.75
CA LEU C 169 -11.93 33.39 -27.69
C LEU C 169 -10.59 33.51 -26.99
N GLU C 170 -10.61 33.52 -25.66
CA GLU C 170 -9.39 33.70 -24.87
C GLU C 170 -9.38 32.74 -23.69
N GLU C 171 -8.28 32.00 -23.53
CA GLU C 171 -8.17 30.99 -22.49
C GLU C 171 -7.66 31.60 -21.18
N LYS C 172 -8.53 31.67 -20.18
CA LYS C 172 -8.17 32.18 -18.86
C LYS C 172 -7.48 33.55 -18.94
N PRO C 173 -8.14 34.54 -19.56
CA PRO C 173 -7.51 35.84 -19.73
C PRO C 173 -7.42 36.60 -18.41
N LEU C 174 -6.28 37.25 -18.18
CA LEU C 174 -6.12 38.18 -17.06
C LEU C 174 -7.16 39.32 -17.09
N GLU C 175 -7.52 39.77 -18.29
CA GLU C 175 -8.51 40.84 -18.45
C GLU C 175 -9.66 40.41 -19.35
N PRO C 176 -10.62 39.65 -18.79
CA PRO C 176 -11.74 39.12 -19.57
C PRO C 176 -12.50 40.18 -20.35
N LYS C 177 -12.84 39.87 -21.59
CA LYS C 177 -13.55 40.81 -22.46
C LYS C 177 -15.06 40.68 -22.29
N SER C 178 -15.51 39.59 -21.64
CA SER C 178 -16.91 39.44 -21.25
C SER C 178 -17.05 38.56 -20.03
N ASN C 179 -18.29 38.37 -19.61
CA ASN C 179 -18.57 37.46 -18.50
C ASN C 179 -19.20 36.16 -19.00
N TYR C 180 -19.01 35.85 -20.28
CA TYR C 180 -19.50 34.60 -20.86
C TYR C 180 -18.38 33.57 -20.96
N ALA C 181 -18.54 32.49 -20.20
CA ALA C 181 -17.59 31.38 -20.19
C ALA C 181 -18.09 30.33 -21.16
N VAL C 182 -17.17 29.61 -21.81
CA VAL C 182 -17.54 28.49 -22.67
C VAL C 182 -17.59 27.25 -21.80
N THR C 183 -18.71 26.52 -21.81
CA THR C 183 -18.86 25.41 -20.86
C THR C 183 -18.13 24.16 -21.36
N GLY C 184 -18.03 23.15 -20.51
CA GLY C 184 -17.24 21.97 -20.81
C GLY C 184 -17.89 20.95 -21.73
N LEU C 185 -18.61 21.44 -22.74
CA LEU C 185 -19.36 20.58 -23.64
C LEU C 185 -19.21 21.09 -25.07
N TYR C 186 -18.67 20.24 -25.94
CA TYR C 186 -18.30 20.66 -27.29
C TYR C 186 -18.77 19.65 -28.36
N PHE C 187 -19.40 20.15 -29.42
CA PHE C 187 -19.80 19.37 -30.59
C PHE C 187 -18.92 19.71 -31.79
N TYR C 188 -18.50 18.68 -32.52
CA TYR C 188 -17.51 18.82 -33.58
C TYR C 188 -17.85 17.99 -34.82
N ASP C 189 -17.44 18.47 -35.98
CA ASP C 189 -17.59 17.72 -37.22
C ASP C 189 -16.29 16.94 -37.50
N GLN C 190 -16.08 16.55 -38.75
CA GLN C 190 -15.00 15.64 -39.13
C GLN C 190 -13.63 16.31 -39.21
N GLN C 191 -13.58 17.62 -39.04
CA GLN C 191 -12.31 18.33 -39.14
C GLN C 191 -11.48 18.29 -37.85
N VAL C 192 -12.13 17.99 -36.72
CA VAL C 192 -11.49 18.24 -35.42
C VAL C 192 -10.19 17.44 -35.20
N VAL C 193 -10.13 16.21 -35.69
CA VAL C 193 -8.88 15.44 -35.55
C VAL C 193 -7.70 16.11 -36.27
N ASP C 194 -7.89 16.50 -37.54
CA ASP C 194 -6.86 17.19 -38.30
C ASP C 194 -6.49 18.56 -37.70
N ILE C 195 -7.47 19.24 -37.11
CA ILE C 195 -7.21 20.52 -36.44
C ILE C 195 -6.34 20.34 -35.19
N ALA C 196 -6.63 19.31 -34.40
CA ALA C 196 -5.82 18.96 -33.22
C ALA C 196 -4.40 18.52 -33.60
N ARG C 197 -4.26 17.84 -34.73
CA ARG C 197 -2.94 17.36 -35.20
C ARG C 197 -2.01 18.50 -35.62
N ASP C 198 -2.57 19.55 -36.21
CA ASP C 198 -1.79 20.72 -36.64
C ASP C 198 -1.48 21.72 -35.53
N LEU C 199 -2.11 21.58 -34.36
CA LEU C 199 -1.95 22.55 -33.26
C LEU C 199 -0.55 22.54 -32.64
N LYS C 200 0.00 23.74 -32.42
CA LYS C 200 1.27 23.92 -31.72
C LYS C 200 0.98 24.32 -30.25
N PRO C 201 1.44 23.51 -29.27
CA PRO C 201 1.23 23.75 -27.84
C PRO C 201 1.34 25.21 -27.36
N SER C 202 0.52 25.54 -26.36
CA SER C 202 0.34 26.92 -25.88
C SER C 202 1.50 27.38 -25.01
N PRO C 203 1.57 28.69 -24.71
CA PRO C 203 2.54 29.23 -23.74
C PRO C 203 2.55 28.48 -22.40
N ARG C 204 1.39 28.00 -21.97
CA ARG C 204 1.29 27.16 -20.77
C ARG C 204 2.02 25.82 -20.95
N GLY C 205 2.05 25.32 -22.19
CA GLY C 205 2.65 24.03 -22.50
C GLY C 205 1.62 22.91 -22.51
N GLU C 206 0.45 23.21 -23.09
CA GLU C 206 -0.66 22.26 -23.14
C GLU C 206 -1.47 22.45 -24.43
N LEU C 207 -1.93 21.35 -25.01
CA LEU C 207 -2.79 21.41 -26.20
C LEU C 207 -4.20 21.84 -25.80
N GLU C 208 -4.50 23.12 -26.02
CA GLU C 208 -5.72 23.76 -25.51
C GLU C 208 -6.94 23.44 -26.35
N ILE C 209 -8.09 23.26 -25.71
CA ILE C 209 -9.35 23.09 -26.42
C ILE C 209 -9.83 24.43 -27.01
N THR C 210 -9.54 25.54 -26.34
CA THR C 210 -9.84 26.87 -26.89
C THR C 210 -9.14 27.12 -28.23
N ASP C 211 -7.96 26.52 -28.42
CA ASP C 211 -7.24 26.64 -29.68
C ASP C 211 -7.95 25.85 -30.78
N VAL C 212 -8.53 24.70 -30.44
CA VAL C 212 -9.36 23.98 -31.39
C VAL C 212 -10.59 24.85 -31.75
N ASN C 213 -11.23 25.44 -30.74
CA ASN C 213 -12.41 26.26 -30.97
C ASN C 213 -12.12 27.56 -31.73
N ARG C 214 -10.91 28.12 -31.57
CA ARG C 214 -10.54 29.32 -32.31
C ARG C 214 -10.36 28.98 -33.79
N ALA C 215 -9.76 27.81 -34.07
CA ALA C 215 -9.61 27.33 -35.45
C ALA C 215 -10.95 27.38 -36.18
N TYR C 216 -11.98 26.78 -35.58
CA TYR C 216 -13.33 26.79 -36.15
C TYR C 216 -13.89 28.23 -36.23
N LEU C 217 -13.64 29.04 -35.20
CA LEU C 217 -14.10 30.43 -35.19
C LEU C 217 -13.53 31.21 -36.38
N GLU C 218 -12.21 31.18 -36.51
CA GLU C 218 -11.49 31.85 -37.60
C GLU C 218 -12.00 31.42 -38.98
N ARG C 219 -12.43 30.17 -39.10
CA ARG C 219 -12.98 29.67 -40.37
C ARG C 219 -14.47 29.97 -40.48
N GLY C 220 -15.00 30.83 -39.62
CA GLY C 220 -16.42 31.14 -39.56
C GLY C 220 -17.34 29.95 -39.35
N GLN C 221 -16.84 28.91 -38.68
CA GLN C 221 -17.60 27.67 -38.52
C GLN C 221 -17.90 27.28 -37.06
N LEU C 222 -17.69 28.22 -36.13
CA LEU C 222 -18.05 28.01 -34.72
C LEU C 222 -19.41 28.61 -34.39
N SER C 223 -20.36 27.77 -33.96
CA SER C 223 -21.63 28.22 -33.43
C SER C 223 -21.54 28.31 -31.91
N VAL C 224 -21.86 29.48 -31.37
CA VAL C 224 -21.89 29.71 -29.94
C VAL C 224 -23.35 29.93 -29.54
N GLU C 225 -23.94 28.94 -28.88
CA GLU C 225 -25.32 29.07 -28.39
C GLU C 225 -25.31 29.54 -26.94
N ILE C 226 -26.26 30.40 -26.57
CA ILE C 226 -26.35 30.87 -25.18
C ILE C 226 -27.01 29.81 -24.29
N MET C 227 -26.34 29.43 -23.21
CA MET C 227 -26.96 28.65 -22.15
C MET C 227 -27.47 29.64 -21.12
N GLY C 228 -28.78 29.80 -21.10
CA GLY C 228 -29.44 30.83 -20.31
C GLY C 228 -29.35 30.66 -18.80
N ARG C 229 -29.67 31.75 -18.09
CA ARG C 229 -29.59 31.82 -16.63
C ARG C 229 -30.53 30.85 -15.89
N GLY C 230 -31.54 30.33 -16.58
CA GLY C 230 -32.43 29.30 -16.03
C GLY C 230 -31.83 27.90 -16.04
N TYR C 231 -30.66 27.76 -16.65
CA TYR C 231 -29.86 26.53 -16.53
C TYR C 231 -28.82 26.68 -15.42
N ALA C 232 -28.56 25.57 -14.73
CA ALA C 232 -27.46 25.48 -13.79
C ALA C 232 -26.32 24.75 -14.48
N TRP C 233 -25.17 25.41 -14.59
CA TRP C 233 -23.93 24.79 -15.02
C TRP C 233 -22.98 24.89 -13.89
N LEU C 234 -22.63 23.76 -13.30
CA LEU C 234 -21.76 23.70 -12.13
C LEU C 234 -20.51 22.89 -12.48
N ASP C 235 -19.40 23.18 -11.83
CA ASP C 235 -18.25 22.28 -11.93
C ASP C 235 -17.74 21.88 -10.55
N THR C 236 -17.25 20.66 -10.48
CA THR C 236 -17.06 20.00 -9.21
C THR C 236 -15.58 19.80 -8.97
N GLY C 237 -14.78 20.77 -9.41
CA GLY C 237 -13.33 20.63 -9.46
C GLY C 237 -12.56 21.00 -8.20
N THR C 238 -13.25 21.55 -7.21
CA THR C 238 -12.65 21.86 -5.91
C THR C 238 -13.49 21.32 -4.77
N HIS C 239 -12.90 21.24 -3.58
CA HIS C 239 -13.63 20.76 -2.40
C HIS C 239 -14.87 21.56 -2.16
N ASP C 240 -14.76 22.88 -2.22
CA ASP C 240 -15.93 23.77 -2.05
C ASP C 240 -17.01 23.56 -3.11
N SER C 241 -16.59 23.49 -4.39
CA SER C 241 -17.51 23.40 -5.51
C SER C 241 -18.20 22.05 -5.53
N LEU C 242 -17.52 21.01 -5.04
CA LEU C 242 -18.12 19.68 -5.00
C LEU C 242 -19.26 19.62 -3.95
N LEU C 243 -19.01 20.25 -2.82
CA LEU C 243 -19.96 20.36 -1.74
C LEU C 243 -21.23 21.11 -2.12
N GLU C 244 -21.05 22.25 -2.79
CA GLU C 244 -22.14 23.10 -3.24
C GLU C 244 -22.94 22.36 -4.28
N ALA C 245 -22.26 21.63 -5.17
CA ALA C 245 -22.96 20.79 -6.15
C ALA C 245 -23.79 19.64 -5.53
N GLY C 246 -23.22 18.99 -4.52
CA GLY C 246 -23.91 17.97 -3.71
C GLY C 246 -25.21 18.48 -3.09
N GLN C 247 -25.13 19.65 -2.45
CA GLN C 247 -26.27 20.28 -1.81
CA GLN C 247 -26.30 20.25 -1.80
C GLN C 247 -27.35 20.65 -2.82
N PHE C 248 -26.91 21.14 -3.98
CA PHE C 248 -27.82 21.53 -5.06
C PHE C 248 -28.61 20.34 -5.60
N ILE C 249 -27.91 19.24 -5.89
CA ILE C 249 -28.53 18.02 -6.38
C ILE C 249 -29.46 17.47 -5.28
N ALA C 250 -29.01 17.44 -4.03
CA ALA C 250 -29.81 16.93 -2.93
C ALA C 250 -31.15 17.67 -2.76
N THR C 251 -31.09 18.99 -2.84
CA THR C 251 -32.27 19.85 -2.76
C THR C 251 -33.25 19.53 -3.85
N LEU C 252 -32.79 19.42 -5.10
CA LEU C 252 -33.66 19.08 -6.22
C LEU C 252 -34.29 17.70 -6.05
N GLU C 253 -33.46 16.71 -5.72
CA GLU C 253 -33.91 15.32 -5.69
C GLU C 253 -34.86 15.05 -4.54
N ASN C 254 -34.59 15.63 -3.37
CA ASN C 254 -35.43 15.45 -2.19
C ASN C 254 -36.77 16.19 -2.26
N ARG C 255 -36.81 17.26 -3.04
CA ARG C 255 -38.05 17.98 -3.31
C ARG C 255 -38.92 17.16 -4.26
N GLN C 256 -38.33 16.78 -5.39
CA GLN C 256 -39.03 16.17 -6.50
C GLN C 256 -39.32 14.69 -6.36
N GLY C 257 -38.48 13.97 -5.62
CA GLY C 257 -38.54 12.51 -5.55
C GLY C 257 -38.17 11.92 -6.89
N LEU C 258 -37.38 12.68 -7.66
CA LEU C 258 -36.87 12.30 -8.96
C LEU C 258 -35.36 12.53 -8.95
N LYS C 259 -34.61 11.80 -9.77
CA LYS C 259 -33.16 11.87 -9.69
C LYS C 259 -32.58 12.63 -10.89
N VAL C 260 -31.50 13.36 -10.64
CA VAL C 260 -30.78 14.02 -11.72
C VAL C 260 -29.69 13.07 -12.22
N ALA C 261 -29.59 12.93 -13.54
CA ALA C 261 -28.49 12.15 -14.16
C ALA C 261 -28.45 10.68 -13.69
N CYS C 262 -29.58 9.98 -13.79
CA CYS C 262 -29.63 8.53 -13.56
C CYS C 262 -29.57 7.81 -14.93
N PRO C 263 -28.39 7.25 -15.29
CA PRO C 263 -28.22 6.65 -16.62
C PRO C 263 -29.27 5.58 -16.95
N GLU C 264 -29.62 4.78 -15.96
CA GLU C 264 -30.62 3.74 -16.17
C GLU C 264 -31.93 4.37 -16.58
N GLU C 265 -32.36 5.39 -15.83
CA GLU C 265 -33.59 6.08 -16.20
C GLU C 265 -33.52 6.65 -17.61
N ILE C 266 -32.43 7.32 -17.94
CA ILE C 266 -32.31 7.98 -19.23
C ILE C 266 -32.27 6.96 -20.38
N ALA C 267 -31.57 5.85 -20.15
CA ALA C 267 -31.51 4.78 -21.14
C ALA C 267 -32.91 4.17 -21.35
N TYR C 268 -33.64 3.93 -20.26
CA TYR C 268 -35.03 3.43 -20.29
C TYR C 268 -36.00 4.38 -20.99
N ARG C 269 -35.90 5.67 -20.69
CA ARG C 269 -36.76 6.67 -21.32
C ARG C 269 -36.39 6.87 -22.79
N GLN C 270 -35.12 6.62 -23.14
CA GLN C 270 -34.69 6.66 -24.55
C GLN C 270 -35.00 5.35 -25.32
N LYS C 271 -35.51 4.34 -24.61
CA LYS C 271 -35.84 3.01 -25.18
C LYS C 271 -34.59 2.19 -25.52
N TRP C 272 -33.45 2.54 -24.93
CA TRP C 272 -32.21 1.81 -25.14
C TRP C 272 -32.12 0.56 -24.33
N ILE C 273 -32.94 0.48 -23.28
CA ILE C 273 -33.16 -0.76 -22.53
C ILE C 273 -34.68 -0.87 -22.31
N ASP C 274 -35.17 -2.08 -22.08
CA ASP C 274 -36.62 -2.29 -21.90
C ASP C 274 -36.97 -2.48 -20.44
N ALA C 275 -38.27 -2.59 -20.15
CA ALA C 275 -38.76 -2.77 -18.79
C ALA C 275 -38.15 -4.01 -18.15
N ALA C 276 -38.00 -5.07 -18.92
CA ALA C 276 -37.37 -6.31 -18.42
C ALA C 276 -35.94 -6.06 -17.95
N GLN C 277 -35.18 -5.30 -18.74
CA GLN C 277 -33.78 -5.00 -18.41
C GLN C 277 -33.67 -4.07 -17.19
N LEU C 278 -34.46 -3.01 -17.16
CA LEU C 278 -34.47 -2.08 -16.02
C LEU C 278 -34.83 -2.80 -14.72
N GLU C 279 -35.72 -3.79 -14.82
CA GLU C 279 -36.11 -4.59 -13.66
C GLU C 279 -34.90 -5.32 -13.07
N LYS C 280 -34.11 -5.96 -13.94
CA LYS C 280 -32.91 -6.68 -13.54
C LYS C 280 -31.86 -5.77 -12.90
N LEU C 281 -31.72 -4.57 -13.44
CA LEU C 281 -30.80 -3.59 -12.90
C LEU C 281 -31.22 -3.11 -11.51
N ALA C 282 -32.53 -3.11 -11.25
CA ALA C 282 -33.04 -2.68 -9.94
C ALA C 282 -32.74 -3.69 -8.84
N ALA C 283 -32.79 -4.99 -9.18
CA ALA C 283 -32.60 -6.08 -8.22
C ALA C 283 -31.39 -5.95 -7.29
N PRO C 284 -30.17 -5.86 -7.85
CA PRO C 284 -28.99 -5.79 -6.99
C PRO C 284 -28.96 -4.54 -6.11
N LEU C 285 -29.65 -3.48 -6.55
CA LEU C 285 -29.73 -2.23 -5.80
C LEU C 285 -31.00 -2.13 -4.94
N ALA C 286 -31.75 -3.24 -4.84
CA ALA C 286 -33.10 -3.24 -4.21
C ALA C 286 -33.14 -2.73 -2.78
N LYS C 287 -32.06 -2.94 -2.03
CA LYS C 287 -32.01 -2.59 -0.60
C LYS C 287 -31.77 -1.11 -0.29
N ASN C 288 -31.55 -0.28 -1.32
CA ASN C 288 -31.34 1.16 -1.12
C ASN C 288 -32.31 2.01 -1.94
N GLY C 289 -32.26 3.32 -1.73
CA GLY C 289 -33.19 4.26 -2.37
C GLY C 289 -33.09 4.34 -3.88
N TYR C 290 -31.90 4.05 -4.41
CA TYR C 290 -31.66 4.11 -5.85
C TYR C 290 -32.34 2.93 -6.56
N GLY C 291 -32.24 1.74 -5.98
CA GLY C 291 -32.92 0.56 -6.52
C GLY C 291 -34.43 0.62 -6.41
N GLN C 292 -34.93 1.13 -5.27
CA GLN C 292 -36.37 1.36 -5.10
C GLN C 292 -36.87 2.41 -6.09
N TYR C 293 -36.00 3.35 -6.45
CA TYR C 293 -36.35 4.37 -7.44
C TYR C 293 -36.48 3.78 -8.84
N LEU C 294 -35.53 2.92 -9.23
CA LEU C 294 -35.59 2.27 -10.54
C LEU C 294 -36.85 1.37 -10.63
N LYS C 295 -37.16 0.66 -9.55
CA LYS C 295 -38.39 -0.13 -9.48
C LYS C 295 -39.63 0.76 -9.60
N ARG C 296 -39.63 1.89 -8.91
CA ARG C 296 -40.76 2.81 -9.00
C ARG C 296 -41.00 3.26 -10.43
N LEU C 297 -39.94 3.50 -11.18
CA LEU C 297 -40.04 3.98 -12.57
C LEU C 297 -40.77 3.02 -13.53
N LEU C 298 -40.84 1.74 -13.19
CA LEU C 298 -41.52 0.73 -14.00
C LEU C 298 -43.04 0.93 -14.05
N THR C 299 -43.59 1.47 -12.96
CA THR C 299 -45.04 1.56 -12.78
C THR C 299 -45.55 3.00 -12.81
N GLU C 300 -44.71 3.98 -12.46
CA GLU C 300 -45.16 5.38 -12.37
C GLU C 300 -45.01 6.12 -13.69
N THR C 301 -46.03 6.90 -14.04
CA THR C 301 -45.96 7.80 -15.18
C THR C 301 -45.33 9.12 -14.72
N VAL C 302 -44.23 9.50 -15.38
CA VAL C 302 -43.55 10.77 -15.07
C VAL C 302 -43.47 11.60 -16.32
N TYR C 303 -44.11 12.77 -16.31
CA TYR C 303 -44.16 13.64 -17.48
C TYR C 303 -42.90 14.50 -17.51
N MET D 11 28.86 -8.68 38.80
CA MET D 11 28.08 -7.53 38.27
C MET D 11 27.34 -7.86 36.97
N LYS D 12 26.16 -7.24 36.79
CA LYS D 12 25.30 -7.49 35.63
C LYS D 12 25.77 -6.70 34.40
N ARG D 13 25.75 -7.35 33.25
CA ARG D 13 26.02 -6.68 31.97
C ARG D 13 24.79 -6.76 31.04
N LYS D 14 24.37 -5.60 30.55
CA LYS D 14 23.23 -5.50 29.63
C LYS D 14 23.75 -5.42 28.20
N GLY D 15 22.99 -5.95 27.25
CA GLY D 15 23.40 -5.88 25.84
C GLY D 15 22.53 -4.96 25.01
N ILE D 16 23.11 -4.37 23.97
CA ILE D 16 22.42 -3.51 23.01
C ILE D 16 22.75 -3.97 21.61
N ILE D 17 21.73 -4.26 20.81
CA ILE D 17 21.93 -4.53 19.37
C ILE D 17 21.51 -3.31 18.58
N LEU D 18 22.42 -2.70 17.83
CA LEU D 18 22.08 -1.54 17.00
C LEU D 18 21.81 -1.97 15.55
N ALA D 19 20.54 -2.02 15.19
CA ALA D 19 20.12 -2.51 13.88
C ALA D 19 19.48 -1.36 13.14
N GLY D 20 20.27 -0.32 12.91
CA GLY D 20 19.76 0.95 12.37
C GLY D 20 19.73 1.00 10.87
N GLY D 21 19.50 2.21 10.34
CA GLY D 21 19.34 2.42 8.90
C GLY D 21 20.67 2.50 8.15
N SER D 22 20.77 1.74 7.06
CA SER D 22 21.96 1.77 6.17
C SER D 22 21.80 2.76 5.00
N GLY D 23 20.87 3.70 5.13
CA GLY D 23 20.62 4.68 4.08
C GLY D 23 20.15 4.06 2.77
N THR D 24 20.54 4.67 1.66
CA THR D 24 20.20 4.16 0.33
C THR D 24 21.32 3.31 -0.28
N ARG D 25 22.33 2.95 0.51
CA ARG D 25 23.52 2.28 0.00
C ARG D 25 23.21 0.97 -0.75
N LEU D 26 22.27 0.18 -0.22
CA LEU D 26 21.89 -1.11 -0.81
C LEU D 26 20.50 -1.11 -1.49
N HIS D 27 19.95 0.07 -1.74
CA HIS D 27 18.69 0.18 -2.48
C HIS D 27 18.94 -0.20 -3.92
N PRO D 28 17.96 -0.83 -4.58
CA PRO D 28 16.60 -1.11 -4.10
C PRO D 28 16.39 -2.41 -3.31
N ALA D 29 17.45 -3.20 -3.13
CA ALA D 29 17.36 -4.46 -2.36
C ALA D 29 16.81 -4.25 -0.94
N THR D 30 17.19 -3.14 -0.31
CA THR D 30 16.74 -2.82 1.05
C THR D 30 15.65 -1.75 1.08
N LEU D 31 15.03 -1.46 -0.07
CA LEU D 31 13.99 -0.44 -0.11
C LEU D 31 12.82 -0.87 0.76
N ALA D 32 12.43 -2.13 0.62
CA ALA D 32 11.27 -2.68 1.35
C ALA D 32 11.53 -2.97 2.82
N ILE D 33 12.76 -3.35 3.15
CA ILE D 33 13.08 -3.87 4.47
C ILE D 33 14.53 -3.60 4.86
N SER D 34 14.76 -3.33 6.14
CA SER D 34 16.08 -3.02 6.63
C SER D 34 16.96 -4.26 6.48
N LYS D 35 18.24 -3.98 6.25
CA LYS D 35 19.24 -4.98 5.96
C LYS D 35 19.36 -6.07 7.02
N GLN D 36 19.19 -5.73 8.30
CA GLN D 36 19.38 -6.71 9.40
C GLN D 36 18.18 -7.65 9.61
N LEU D 37 17.10 -7.44 8.86
CA LEU D 37 15.98 -8.38 8.79
C LEU D 37 16.08 -9.32 7.58
N LEU D 38 17.06 -9.07 6.71
CA LEU D 38 17.34 -9.97 5.59
C LEU D 38 17.99 -11.24 6.12
N PRO D 39 17.70 -12.38 5.49
CA PRO D 39 18.41 -13.62 5.79
C PRO D 39 19.87 -13.67 5.35
N VAL D 40 20.69 -14.28 6.19
CA VAL D 40 21.99 -14.74 5.79
C VAL D 40 21.81 -16.25 5.83
N TYR D 41 21.68 -16.82 4.64
CA TYR D 41 21.35 -18.23 4.42
C TYR D 41 19.99 -18.68 4.93
N ASP D 42 19.90 -19.02 6.21
CA ASP D 42 18.72 -19.74 6.72
C ASP D 42 18.02 -19.05 7.88
N LYS D 43 18.50 -17.87 8.28
CA LYS D 43 17.95 -17.19 9.43
C LYS D 43 18.12 -15.65 9.35
N PRO D 44 17.23 -14.91 10.01
CA PRO D 44 17.34 -13.45 9.97
C PRO D 44 18.71 -13.00 10.42
N MET D 45 19.27 -12.01 9.72
CA MET D 45 20.61 -11.52 9.99
C MET D 45 20.80 -11.18 11.47
N ILE D 46 19.76 -10.68 12.14
CA ILE D 46 19.87 -10.30 13.55
C ILE D 46 20.08 -11.48 14.53
N TYR D 47 19.74 -12.71 14.11
CA TYR D 47 20.00 -13.90 14.94
C TYR D 47 21.49 -14.00 15.28
N TYR D 48 22.34 -13.52 14.37
CA TYR D 48 23.79 -13.69 14.50
C TYR D 48 24.41 -12.81 15.60
N PRO D 49 24.11 -11.49 15.61
CA PRO D 49 24.53 -10.65 16.75
C PRO D 49 23.83 -10.97 18.07
N LEU D 50 22.53 -11.28 18.04
CA LEU D 50 21.84 -11.74 19.24
C LEU D 50 22.51 -13.00 19.81
N SER D 51 22.97 -13.88 18.93
CA SER D 51 23.69 -15.07 19.34
C SER D 51 25.01 -14.70 20.01
N THR D 52 25.71 -13.73 19.43
CA THR D 52 26.99 -13.28 19.97
C THR D 52 26.84 -12.78 21.41
N LEU D 53 25.83 -11.97 21.65
CA LEU D 53 25.51 -11.49 22.99
C LEU D 53 25.13 -12.63 23.94
N MET D 54 24.31 -13.57 23.47
CA MET D 54 23.92 -14.72 24.29
C MET D 54 25.14 -15.55 24.69
N LEU D 55 26.04 -15.77 23.73
CA LEU D 55 27.30 -16.50 23.98
C LEU D 55 28.21 -15.79 24.98
N ALA D 56 28.09 -14.47 25.07
CA ALA D 56 28.79 -13.69 26.10
C ALA D 56 28.06 -13.70 27.45
N GLY D 57 26.95 -14.44 27.54
CA GLY D 57 26.22 -14.66 28.77
C GLY D 57 25.21 -13.56 29.08
N ILE D 58 24.84 -12.79 28.06
CA ILE D 58 23.96 -11.62 28.20
C ILE D 58 22.52 -12.00 27.87
N ARG D 59 21.60 -11.75 28.81
CA ARG D 59 20.18 -12.13 28.67
C ARG D 59 19.22 -10.93 28.56
N GLU D 60 19.65 -9.80 29.10
CA GLU D 60 18.87 -8.56 29.10
C GLU D 60 19.41 -7.67 28.00
N ILE D 61 18.58 -7.43 26.98
CA ILE D 61 19.05 -6.92 25.70
C ILE D 61 18.06 -5.90 25.15
N LEU D 62 18.58 -4.76 24.69
CA LEU D 62 17.78 -3.74 24.00
C LEU D 62 18.07 -3.73 22.50
N ILE D 63 17.04 -3.89 21.68
CA ILE D 63 17.20 -3.80 20.23
C ILE D 63 16.78 -2.40 19.76
N ILE D 64 17.73 -1.68 19.15
CA ILE D 64 17.47 -0.37 18.57
C ILE D 64 17.39 -0.48 17.04
N SER D 65 16.29 0.01 16.45
CA SER D 65 16.07 -0.03 15.00
C SER D 65 15.44 1.28 14.52
N THR D 66 15.14 1.36 13.22
CA THR D 66 14.46 2.53 12.66
C THR D 66 13.02 2.56 13.19
N PRO D 67 12.37 3.72 13.15
CA PRO D 67 10.95 3.80 13.52
C PRO D 67 10.08 2.81 12.74
N GLN D 68 10.33 2.71 11.44
CA GLN D 68 9.61 1.74 10.60
C GLN D 68 9.83 0.27 11.00
N ASP D 69 11.05 -0.10 11.39
CA ASP D 69 11.36 -1.52 11.53
C ASP D 69 11.21 -2.12 12.92
N THR D 70 11.07 -1.30 13.95
CA THR D 70 10.97 -1.80 15.32
C THR D 70 9.78 -2.76 15.52
N PRO D 71 8.60 -2.43 14.98
CA PRO D 71 7.53 -3.42 15.00
C PRO D 71 7.90 -4.75 14.37
N ARG D 72 8.66 -4.71 13.28
CA ARG D 72 9.05 -5.93 12.59
C ARG D 72 10.07 -6.76 13.40
N PHE D 73 10.91 -6.08 14.18
CA PHE D 73 11.78 -6.76 15.15
C PHE D 73 11.00 -7.27 16.37
N GLN D 74 10.07 -6.46 16.90
CA GLN D 74 9.27 -6.85 18.07
C GLN D 74 8.38 -8.05 17.79
N GLN D 75 7.86 -8.09 16.57
CA GLN D 75 7.03 -9.18 16.09
C GLN D 75 7.85 -10.44 15.84
N LEU D 76 9.08 -10.26 15.33
CA LEU D 76 9.99 -11.38 15.10
C LEU D 76 10.46 -12.04 16.41
N LEU D 77 10.95 -11.22 17.35
CA LEU D 77 11.66 -11.71 18.54
C LEU D 77 10.83 -11.73 19.82
N GLY D 78 9.73 -10.98 19.87
CA GLY D 78 8.91 -10.91 21.08
C GLY D 78 9.66 -10.31 22.26
N ASP D 79 9.23 -10.64 23.47
CA ASP D 79 9.88 -10.13 24.67
C ASP D 79 11.03 -11.01 25.17
N GLY D 80 11.29 -12.10 24.45
CA GLY D 80 12.43 -12.97 24.70
C GLY D 80 12.19 -14.10 25.68
N SER D 81 11.07 -14.08 26.40
CA SER D 81 10.81 -15.07 27.45
C SER D 81 10.83 -16.51 26.93
N ASN D 82 10.42 -16.69 25.66
CA ASN D 82 10.45 -18.03 25.04
C ASN D 82 11.87 -18.60 24.90
N TRP D 83 12.89 -17.73 24.91
CA TRP D 83 14.29 -18.14 24.85
C TRP D 83 15.07 -17.84 26.10
N GLY D 84 14.37 -17.59 27.22
CA GLY D 84 15.03 -17.24 28.47
C GLY D 84 15.71 -15.88 28.46
N LEU D 85 15.22 -14.97 27.61
CA LEU D 85 15.78 -13.64 27.46
C LEU D 85 14.78 -12.60 27.96
N ASP D 86 15.28 -11.41 28.20
CA ASP D 86 14.47 -10.25 28.58
C ASP D 86 14.81 -9.17 27.55
N LEU D 87 13.99 -9.07 26.50
CA LEU D 87 14.24 -8.15 25.40
C LEU D 87 13.40 -6.87 25.51
N GLN D 88 14.02 -5.73 25.21
CA GLN D 88 13.31 -4.46 25.13
C GLN D 88 13.66 -3.79 23.80
N TYR D 89 12.86 -2.82 23.39
CA TYR D 89 13.07 -2.16 22.09
C TYR D 89 13.08 -0.64 22.20
N ALA D 90 13.82 -0.02 21.29
CA ALA D 90 13.89 1.43 21.21
C ALA D 90 14.24 1.86 19.79
N VAL D 91 14.06 3.15 19.53
CA VAL D 91 14.07 3.69 18.19
C VAL D 91 15.24 4.67 18.01
N GLN D 92 15.89 4.64 16.86
CA GLN D 92 16.85 5.68 16.44
C GLN D 92 16.23 6.39 15.26
N PRO D 93 15.69 7.60 15.47
CA PRO D 93 14.92 8.24 14.38
C PRO D 93 15.78 8.62 13.17
N SER D 94 17.05 8.99 13.40
CA SER D 94 17.96 9.35 12.32
C SER D 94 19.30 8.62 12.46
N PRO D 95 19.95 8.29 11.32
CA PRO D 95 21.23 7.57 11.38
C PRO D 95 22.40 8.48 11.77
N ASP D 96 22.43 8.90 13.04
CA ASP D 96 23.32 9.97 13.51
C ASP D 96 24.54 9.47 14.30
N GLY D 97 24.89 8.19 14.15
CA GLY D 97 26.13 7.67 14.72
C GLY D 97 25.90 6.50 15.65
N LEU D 98 26.85 5.58 15.69
CA LEU D 98 26.74 4.39 16.53
C LEU D 98 26.74 4.72 18.03
N ALA D 99 27.41 5.82 18.39
CA ALA D 99 27.47 6.27 19.80
C ALA D 99 26.08 6.67 20.33
N GLN D 100 25.13 6.98 19.45
CA GLN D 100 23.78 7.33 19.90
C GLN D 100 23.11 6.18 20.63
N ALA D 101 23.60 4.97 20.42
CA ALA D 101 23.07 3.80 21.11
C ALA D 101 23.05 4.00 22.61
N PHE D 102 24.10 4.62 23.17
CA PHE D 102 24.19 4.83 24.63
C PHE D 102 23.34 5.98 25.15
N LEU D 103 22.97 6.90 24.27
CA LEU D 103 22.00 7.95 24.63
C LEU D 103 20.58 7.38 24.59
N ILE D 104 20.26 6.68 23.51
CA ILE D 104 18.97 6.02 23.34
C ILE D 104 18.78 5.00 24.46
N GLY D 105 19.83 4.23 24.71
CA GLY D 105 19.81 3.19 25.74
C GLY D 105 20.22 3.59 27.15
N GLU D 106 20.26 4.89 27.45
CA GLU D 106 20.74 5.37 28.76
C GLU D 106 19.94 4.82 29.94
N SER D 107 18.63 4.97 29.89
CA SER D 107 17.80 4.47 30.98
C SER D 107 17.85 2.94 31.05
N PHE D 108 17.90 2.27 29.90
CA PHE D 108 17.99 0.80 29.85
C PHE D 108 19.25 0.30 30.57
N ILE D 109 20.39 0.94 30.27
CA ILE D 109 21.66 0.57 30.86
C ILE D 109 21.65 0.80 32.38
N GLY D 110 21.19 1.98 32.81
CA GLY D 110 21.18 2.33 34.22
C GLY D 110 22.60 2.44 34.75
N ASN D 111 22.89 1.75 35.85
CA ASN D 111 24.23 1.75 36.43
C ASN D 111 24.95 0.43 36.16
N ASP D 112 24.51 -0.34 35.17
CA ASP D 112 25.11 -1.65 34.88
C ASP D 112 26.22 -1.55 33.87
N LEU D 113 26.98 -2.64 33.76
CA LEU D 113 27.94 -2.85 32.69
C LEU D 113 27.16 -3.04 31.38
N SER D 114 27.79 -2.79 30.24
CA SER D 114 27.11 -2.97 28.95
C SER D 114 27.96 -3.55 27.83
N ALA D 115 27.28 -3.90 26.74
CA ALA D 115 27.94 -4.30 25.51
C ALA D 115 27.09 -3.88 24.30
N LEU D 116 27.74 -3.39 23.26
CA LEU D 116 27.09 -3.04 22.01
C LEU D 116 27.54 -3.95 20.88
N VAL D 117 26.59 -4.53 20.15
CA VAL D 117 26.91 -5.25 18.92
C VAL D 117 26.11 -4.63 17.76
N LEU D 118 26.74 -4.51 16.61
CA LEU D 118 26.08 -3.98 15.41
C LEU D 118 25.22 -5.08 14.78
N GLY D 119 24.05 -4.70 14.29
CA GLY D 119 23.05 -5.68 13.87
C GLY D 119 23.43 -6.45 12.61
N ASP D 120 24.44 -5.97 11.89
CA ASP D 120 24.91 -6.63 10.66
C ASP D 120 26.30 -7.30 10.79
N ASN D 121 26.70 -7.58 12.01
CA ASN D 121 28.03 -8.15 12.30
C ASN D 121 27.96 -9.64 12.55
N LEU D 122 28.81 -10.35 11.82
CA LEU D 122 28.80 -11.82 11.80
C LEU D 122 30.17 -12.33 12.22
N TYR D 123 30.19 -13.15 13.25
CA TYR D 123 31.39 -13.76 13.77
C TYR D 123 31.32 -15.29 13.66
N TYR D 124 32.41 -15.92 13.24
CA TYR D 124 32.54 -17.39 13.35
C TYR D 124 33.96 -17.77 13.77
N GLY D 125 34.06 -18.71 14.71
CA GLY D 125 35.35 -19.32 15.03
C GLY D 125 35.34 -20.12 16.33
N HIS D 126 36.52 -20.65 16.67
CA HIS D 126 36.66 -21.56 17.80
C HIS D 126 36.66 -20.89 19.15
N ASP D 127 35.81 -21.41 20.03
CA ASP D 127 35.71 -21.00 21.42
C ASP D 127 35.40 -19.50 21.55
N PHE D 128 34.42 -19.08 20.76
CA PHE D 128 33.93 -17.72 20.77
C PHE D 128 33.35 -17.45 22.15
N HIS D 129 32.67 -18.46 22.69
CA HIS D 129 32.14 -18.45 24.06
C HIS D 129 33.19 -18.12 25.11
N GLU D 130 34.41 -18.64 24.94
CA GLU D 130 35.54 -18.32 25.81
C GLU D 130 36.06 -16.91 25.57
N LEU D 131 36.22 -16.51 24.31
CA LEU D 131 36.81 -15.21 23.99
C LEU D 131 35.88 -14.06 24.41
N LEU D 132 34.57 -14.31 24.33
CA LEU D 132 33.57 -13.35 24.81
C LEU D 132 33.55 -13.32 26.35
N GLY D 133 33.53 -14.51 26.96
CA GLY D 133 33.55 -14.66 28.42
C GLY D 133 34.65 -13.89 29.14
N SER D 134 35.82 -13.79 28.50
CA SER D 134 36.96 -13.04 29.06
C SER D 134 36.76 -11.53 29.00
N ALA D 135 36.21 -11.05 27.90
CA ALA D 135 35.95 -9.61 27.76
C ALA D 135 34.79 -9.19 28.65
N SER D 136 33.80 -10.07 28.78
CA SER D 136 32.60 -9.80 29.59
C SER D 136 32.91 -9.74 31.10
N GLN D 137 33.92 -10.51 31.54
CA GLN D 137 34.35 -10.57 32.95
C GLN D 137 35.12 -9.34 33.45
N ARG D 138 35.64 -8.54 32.53
CA ARG D 138 36.39 -7.35 32.91
C ARG D 138 35.41 -6.26 33.37
N GLN D 139 35.43 -5.95 34.67
CA GLN D 139 34.43 -5.08 35.31
C GLN D 139 34.72 -3.60 35.11
N THR D 140 35.91 -3.27 34.63
CA THR D 140 36.33 -1.88 34.48
C THR D 140 36.89 -1.73 33.09
N GLY D 141 36.89 -0.50 32.57
CA GLY D 141 37.44 -0.23 31.26
C GLY D 141 36.52 -0.69 30.13
N ALA D 142 37.07 -0.69 28.92
CA ALA D 142 36.37 -1.11 27.70
C ALA D 142 37.20 -2.15 26.98
N SER D 143 36.54 -3.08 26.30
CA SER D 143 37.23 -4.03 25.41
C SER D 143 36.63 -4.02 24.01
N VAL D 144 37.51 -4.03 23.00
CA VAL D 144 37.15 -4.19 21.60
C VAL D 144 38.07 -5.26 20.97
N PHE D 145 37.78 -5.61 19.72
CA PHE D 145 38.57 -6.56 18.96
C PHE D 145 39.05 -5.97 17.64
N ALA D 146 40.34 -6.11 17.35
CA ALA D 146 40.93 -5.69 16.08
C ALA D 146 41.21 -6.93 15.19
N TYR D 147 40.88 -6.80 13.90
CA TYR D 147 40.90 -7.92 12.94
C TYR D 147 41.56 -7.45 11.66
N HIS D 148 42.53 -8.22 11.14
CA HIS D 148 43.24 -7.85 9.92
C HIS D 148 42.32 -7.98 8.73
N VAL D 149 42.24 -6.92 7.93
CA VAL D 149 41.35 -6.86 6.77
C VAL D 149 42.10 -6.23 5.61
N LEU D 150 41.52 -6.33 4.42
CA LEU D 150 42.15 -5.88 3.18
C LEU D 150 41.91 -4.38 2.94
N ASP D 151 40.79 -3.87 3.45
CA ASP D 151 40.35 -2.48 3.20
C ASP D 151 40.11 -1.78 4.53
N PRO D 152 41.20 -1.45 5.26
CA PRO D 152 41.02 -0.90 6.58
C PRO D 152 40.35 0.48 6.60
N GLU D 153 40.51 1.25 5.53
CA GLU D 153 39.87 2.56 5.33
C GLU D 153 38.36 2.62 5.66
N ARG D 154 37.66 1.50 5.47
CA ARG D 154 36.21 1.47 5.69
C ARG D 154 35.83 1.49 7.16
N TYR D 155 36.80 1.31 8.05
CA TYR D 155 36.52 1.06 9.46
C TYR D 155 37.28 1.96 10.41
N GLY D 156 37.06 1.74 11.71
CA GLY D 156 37.94 2.24 12.76
C GLY D 156 39.25 1.48 12.74
N VAL D 157 40.34 2.19 12.46
CA VAL D 157 41.66 1.62 12.30
C VAL D 157 42.52 1.82 13.55
N VAL D 158 43.16 0.75 14.01
CA VAL D 158 43.94 0.80 15.22
C VAL D 158 45.43 0.69 14.90
N GLU D 159 46.22 1.60 15.47
CA GLU D 159 47.68 1.62 15.33
C GLU D 159 48.33 1.08 16.60
N PHE D 160 49.38 0.29 16.40
CA PHE D 160 50.14 -0.30 17.47
C PHE D 160 51.58 0.19 17.38
N ASP D 161 52.26 0.25 18.53
CA ASP D 161 53.70 0.52 18.56
C ASP D 161 54.47 -0.77 18.31
N GLN D 162 55.80 -0.66 18.24
CA GLN D 162 56.67 -1.81 17.97
C GLN D 162 56.44 -2.97 18.95
N GLY D 163 56.00 -2.64 20.17
CA GLY D 163 55.76 -3.63 21.21
C GLY D 163 54.36 -4.22 21.24
N GLY D 164 53.50 -3.79 20.30
CA GLY D 164 52.16 -4.38 20.15
C GLY D 164 51.03 -3.64 20.87
N LYS D 165 51.38 -2.53 21.52
CA LYS D 165 50.42 -1.78 22.32
C LYS D 165 49.59 -0.83 21.44
N ALA D 166 48.28 -0.82 21.63
CA ALA D 166 47.41 0.09 20.91
C ALA D 166 47.71 1.54 21.29
N ILE D 167 48.09 2.37 20.32
CA ILE D 167 48.43 3.76 20.61
C ILE D 167 47.58 4.80 19.88
N SER D 168 46.80 4.39 18.89
CA SER D 168 45.92 5.33 18.17
C SER D 168 44.70 4.66 17.51
N LEU D 169 43.62 5.42 17.39
CA LEU D 169 42.44 5.01 16.63
C LEU D 169 42.05 6.13 15.72
N GLU D 170 41.87 5.83 14.44
CA GLU D 170 41.30 6.76 13.48
C GLU D 170 40.09 6.11 12.79
N GLU D 171 38.99 6.87 12.69
CA GLU D 171 37.80 6.42 12.00
C GLU D 171 37.91 6.73 10.51
N LYS D 172 37.89 5.68 9.68
CA LYS D 172 37.92 5.81 8.21
C LYS D 172 39.03 6.75 7.72
N PRO D 173 40.29 6.44 8.04
CA PRO D 173 41.39 7.29 7.61
C PRO D 173 41.67 7.18 6.12
N LEU D 174 42.10 8.29 5.51
CA LEU D 174 42.48 8.30 4.09
C LEU D 174 43.73 7.46 3.86
N GLU D 175 44.60 7.40 4.87
CA GLU D 175 45.85 6.65 4.80
C GLU D 175 46.01 5.79 6.06
N PRO D 176 45.39 4.60 6.07
CA PRO D 176 45.41 3.68 7.21
C PRO D 176 46.80 3.46 7.80
N LYS D 177 46.89 3.50 9.12
CA LYS D 177 48.16 3.26 9.82
C LYS D 177 48.42 1.77 9.98
N SER D 178 47.37 0.94 9.89
CA SER D 178 47.56 -0.51 9.83
C SER D 178 46.40 -1.15 9.06
N ASN D 179 46.41 -2.47 8.98
CA ASN D 179 45.33 -3.22 8.35
C ASN D 179 44.38 -3.79 9.38
N TYR D 180 44.46 -3.26 10.60
CA TYR D 180 43.68 -3.75 11.72
C TYR D 180 42.46 -2.85 12.00
N ALA D 181 41.30 -3.44 11.78
CA ALA D 181 40.01 -2.79 11.85
C ALA D 181 39.35 -3.19 13.15
N VAL D 182 38.62 -2.27 13.77
CA VAL D 182 37.86 -2.59 14.97
C VAL D 182 36.53 -3.23 14.57
N THR D 183 36.21 -4.40 15.12
CA THR D 183 34.97 -5.10 14.75
C THR D 183 33.75 -4.54 15.48
N GLY D 184 32.55 -4.92 15.05
CA GLY D 184 31.33 -4.31 15.60
C GLY D 184 30.86 -4.91 16.90
N LEU D 185 31.77 -5.18 17.85
CA LEU D 185 31.42 -5.74 19.17
C LEU D 185 32.22 -4.99 20.22
N TYR D 186 31.52 -4.35 21.14
CA TYR D 186 32.16 -3.49 22.15
C TYR D 186 31.67 -3.81 23.55
N PHE D 187 32.63 -3.91 24.48
CA PHE D 187 32.30 -4.08 25.88
C PHE D 187 32.67 -2.79 26.65
N TYR D 188 31.78 -2.34 27.53
CA TYR D 188 31.95 -1.10 28.30
C TYR D 188 31.57 -1.21 29.77
N ASP D 189 32.30 -0.47 30.60
CA ASP D 189 32.00 -0.37 32.02
C ASP D 189 30.91 0.70 32.22
N GLN D 190 30.79 1.19 33.44
CA GLN D 190 29.80 2.23 33.79
C GLN D 190 30.09 3.65 33.28
N GLN D 191 31.21 3.84 32.60
CA GLN D 191 31.60 5.18 32.15
C GLN D 191 30.99 5.59 30.81
N VAL D 192 30.53 4.63 30.02
CA VAL D 192 30.24 4.90 28.61
C VAL D 192 29.09 5.89 28.33
N VAL D 193 28.03 5.85 29.14
CA VAL D 193 26.95 6.80 28.91
C VAL D 193 27.47 8.24 29.05
N ASP D 194 28.13 8.54 30.18
CA ASP D 194 28.69 9.90 30.42
C ASP D 194 29.67 10.35 29.35
N ILE D 195 30.49 9.41 28.88
CA ILE D 195 31.38 9.68 27.75
C ILE D 195 30.57 10.01 26.48
N ALA D 196 29.55 9.20 26.17
CA ALA D 196 28.70 9.45 24.98
C ALA D 196 27.96 10.81 25.06
N ARG D 197 27.41 11.13 26.23
CA ARG D 197 26.67 12.39 26.46
C ARG D 197 27.47 13.65 26.12
N ASP D 198 28.79 13.60 26.28
CA ASP D 198 29.68 14.75 26.01
C ASP D 198 30.27 14.77 24.60
N LEU D 199 30.03 13.70 23.83
CA LEU D 199 30.48 13.64 22.45
C LEU D 199 29.86 14.74 21.60
N LYS D 200 30.66 15.29 20.70
CA LYS D 200 30.20 16.25 19.71
C LYS D 200 30.23 15.55 18.35
N PRO D 201 29.34 15.94 17.42
CA PRO D 201 29.39 15.40 16.05
C PRO D 201 30.73 15.60 15.33
N SER D 202 31.07 14.62 14.49
CA SER D 202 32.27 14.65 13.65
C SER D 202 32.03 15.55 12.43
N PRO D 203 33.07 15.74 11.58
CA PRO D 203 32.85 16.41 10.27
C PRO D 203 31.77 15.74 9.40
N ARG D 204 31.62 14.42 9.53
CA ARG D 204 30.55 13.68 8.83
C ARG D 204 29.17 13.95 9.43
N GLY D 205 29.14 14.46 10.66
CA GLY D 205 27.88 14.78 11.36
C GLY D 205 27.36 13.58 12.13
N GLU D 206 28.28 12.82 12.73
CA GLU D 206 27.92 11.61 13.46
C GLU D 206 28.54 11.59 14.85
N LEU D 207 27.81 11.02 15.81
CA LEU D 207 28.36 10.70 17.12
C LEU D 207 29.09 9.34 17.03
N GLU D 208 30.42 9.38 17.11
CA GLU D 208 31.31 8.28 16.70
C GLU D 208 31.64 7.33 17.83
N ILE D 209 31.45 6.03 17.58
CA ILE D 209 31.87 5.04 18.53
C ILE D 209 33.39 5.13 18.73
N THR D 210 34.12 5.49 17.68
CA THR D 210 35.57 5.58 17.79
C THR D 210 36.00 6.67 18.79
N ASP D 211 35.26 7.78 18.83
CA ASP D 211 35.51 8.80 19.85
C ASP D 211 35.27 8.25 21.26
N VAL D 212 34.25 7.41 21.43
CA VAL D 212 34.04 6.74 22.71
C VAL D 212 35.26 5.89 23.07
N ASN D 213 35.76 5.14 22.08
CA ASN D 213 36.87 4.22 22.28
C ASN D 213 38.22 4.94 22.52
N ARG D 214 38.44 6.03 21.80
CA ARG D 214 39.57 6.94 22.05
C ARG D 214 39.55 7.49 23.48
N ALA D 215 38.36 7.81 24.00
CA ALA D 215 38.20 8.32 25.36
C ALA D 215 38.74 7.31 26.36
N TYR D 216 38.36 6.04 26.18
CA TYR D 216 38.89 4.98 27.02
C TYR D 216 40.40 4.84 26.76
N LEU D 217 40.81 4.98 25.50
CA LEU D 217 42.22 4.80 25.12
C LEU D 217 43.17 5.80 25.81
N GLU D 218 42.77 7.08 25.87
CA GLU D 218 43.64 8.12 26.47
C GLU D 218 43.95 7.85 27.96
N ARG D 219 43.09 7.09 28.64
CA ARG D 219 43.31 6.71 30.03
C ARG D 219 43.88 5.32 30.18
N GLY D 220 44.30 4.71 29.07
CA GLY D 220 44.84 3.36 29.11
C GLY D 220 43.83 2.30 29.52
N GLN D 221 42.53 2.61 29.44
CA GLN D 221 41.48 1.64 29.81
C GLN D 221 40.79 0.96 28.60
N LEU D 222 41.37 1.07 27.40
CA LEU D 222 40.91 0.30 26.22
C LEU D 222 41.76 -0.96 26.01
N SER D 223 41.16 -2.11 26.25
CA SER D 223 41.79 -3.38 25.92
C SER D 223 41.47 -3.72 24.45
N VAL D 224 42.49 -3.70 23.59
CA VAL D 224 42.33 -4.03 22.17
C VAL D 224 42.85 -5.45 21.93
N GLU D 225 41.95 -6.43 22.01
CA GLU D 225 42.30 -7.83 21.78
C GLU D 225 42.36 -8.11 20.27
N ILE D 226 43.34 -8.91 19.85
CA ILE D 226 43.43 -9.31 18.44
C ILE D 226 42.50 -10.49 18.19
N MET D 227 41.63 -10.33 17.18
CA MET D 227 40.83 -11.42 16.66
C MET D 227 41.62 -12.00 15.49
N GLY D 228 42.19 -13.18 15.70
CA GLY D 228 43.18 -13.73 14.79
C GLY D 228 42.59 -14.20 13.47
N ARG D 229 43.49 -14.51 12.53
CA ARG D 229 43.11 -14.94 11.17
C ARG D 229 42.28 -16.24 11.13
N GLY D 230 42.29 -16.99 12.21
CA GLY D 230 41.51 -18.21 12.34
C GLY D 230 40.06 -17.99 12.73
N TYR D 231 39.68 -16.71 12.85
CA TYR D 231 38.30 -16.30 13.08
C TYR D 231 37.72 -15.69 11.81
N ALA D 232 36.41 -15.85 11.62
CA ALA D 232 35.71 -15.22 10.51
C ALA D 232 34.94 -14.02 11.04
N TRP D 233 35.33 -12.84 10.60
CA TRP D 233 34.51 -11.63 10.77
C TRP D 233 33.96 -11.34 9.38
N LEU D 234 32.67 -11.59 9.15
CA LEU D 234 32.13 -11.58 7.77
C LEU D 234 31.64 -10.19 7.34
N ASP D 235 31.97 -9.85 6.09
CA ASP D 235 31.62 -8.57 5.47
C ASP D 235 30.17 -8.60 4.97
N THR D 236 29.30 -7.77 5.56
CA THR D 236 27.89 -7.60 5.14
C THR D 236 27.56 -6.24 4.49
N GLY D 237 28.60 -5.50 4.08
CA GLY D 237 28.42 -4.11 3.61
C GLY D 237 27.97 -3.91 2.17
N THR D 238 28.04 -4.98 1.37
CA THR D 238 27.75 -4.89 -0.06
C THR D 238 26.89 -6.08 -0.50
N HIS D 239 26.31 -5.99 -1.70
CA HIS D 239 25.55 -7.11 -2.26
C HIS D 239 26.45 -8.29 -2.41
N ASP D 240 27.62 -8.07 -3.02
CA ASP D 240 28.66 -9.11 -3.17
C ASP D 240 29.01 -9.80 -1.86
N SER D 241 29.11 -9.03 -0.78
CA SER D 241 29.58 -9.57 0.49
C SER D 241 28.45 -10.22 1.30
N LEU D 242 27.21 -9.77 1.16
CA LEU D 242 26.07 -10.45 1.80
C LEU D 242 25.89 -11.87 1.22
N LEU D 243 26.21 -12.01 -0.07
CA LEU D 243 26.20 -13.29 -0.78
C LEU D 243 27.30 -14.24 -0.28
N GLU D 244 28.53 -13.76 -0.26
CA GLU D 244 29.65 -14.49 0.32
C GLU D 244 29.38 -14.99 1.74
N ALA D 245 28.73 -14.16 2.55
CA ALA D 245 28.43 -14.53 3.92
C ALA D 245 27.39 -15.65 3.98
N GLY D 246 26.37 -15.56 3.13
CA GLY D 246 25.37 -16.62 2.97
C GLY D 246 26.00 -17.95 2.58
N GLN D 247 26.93 -17.92 1.62
CA GLN D 247 27.66 -19.11 1.14
C GLN D 247 28.65 -19.68 2.16
N PHE D 248 29.14 -18.83 3.07
CA PHE D 248 30.05 -19.24 4.12
C PHE D 248 29.27 -20.02 5.17
N ILE D 249 28.13 -19.49 5.58
CA ILE D 249 27.29 -20.11 6.60
C ILE D 249 26.74 -21.44 6.08
N ALA D 250 26.24 -21.44 4.84
CA ALA D 250 25.75 -22.66 4.17
C ALA D 250 26.79 -23.79 4.11
N THR D 251 27.99 -23.49 3.66
CA THR D 251 29.08 -24.44 3.59
C THR D 251 29.42 -25.06 4.98
N LEU D 252 29.39 -24.23 6.03
CA LEU D 252 29.66 -24.71 7.39
C LEU D 252 28.52 -25.60 7.88
N GLU D 253 27.28 -25.15 7.70
CA GLU D 253 26.13 -25.86 8.23
C GLU D 253 25.82 -27.18 7.50
N ASN D 254 26.09 -27.21 6.20
CA ASN D 254 25.88 -28.39 5.38
C ASN D 254 27.01 -29.43 5.52
N ARG D 255 28.18 -28.98 5.95
CA ARG D 255 29.31 -29.88 6.21
C ARG D 255 29.14 -30.55 7.58
N GLN D 256 28.71 -29.75 8.54
CA GLN D 256 28.72 -30.12 9.95
C GLN D 256 27.40 -30.72 10.42
N GLY D 257 26.29 -30.35 9.77
CA GLY D 257 24.96 -30.63 10.32
C GLY D 257 24.68 -29.86 11.60
N LEU D 258 25.49 -28.84 11.88
CA LEU D 258 25.30 -27.97 13.04
C LEU D 258 25.06 -26.55 12.52
N LYS D 259 24.15 -25.84 13.18
CA LYS D 259 23.83 -24.46 12.80
C LYS D 259 24.73 -23.46 13.51
N VAL D 260 25.03 -22.39 12.80
CA VAL D 260 25.72 -21.25 13.39
C VAL D 260 24.65 -20.27 13.85
N ALA D 261 24.76 -19.82 15.11
CA ALA D 261 23.93 -18.73 15.66
C ALA D 261 22.45 -19.07 15.74
N CYS D 262 22.15 -20.23 16.31
CA CYS D 262 20.78 -20.67 16.59
C CYS D 262 20.43 -20.32 18.03
N PRO D 263 19.63 -19.25 18.25
CA PRO D 263 19.42 -18.77 19.62
C PRO D 263 18.73 -19.80 20.52
N GLU D 264 17.83 -20.59 19.96
CA GLU D 264 17.16 -21.65 20.71
C GLU D 264 18.19 -22.64 21.26
N GLU D 265 19.09 -23.10 20.40
CA GLU D 265 20.14 -24.03 20.80
C GLU D 265 21.05 -23.40 21.86
N ILE D 266 21.50 -22.17 21.60
CA ILE D 266 22.37 -21.46 22.54
C ILE D 266 21.69 -21.35 23.91
N ALA D 267 20.46 -20.85 23.93
CA ALA D 267 19.70 -20.75 25.17
C ALA D 267 19.64 -22.11 25.88
N TYR D 268 19.37 -23.17 25.13
CA TYR D 268 19.26 -24.51 25.71
C TYR D 268 20.57 -24.94 26.33
N ARG D 269 21.67 -24.67 25.63
CA ARG D 269 23.01 -25.08 26.08
C ARG D 269 23.46 -24.29 27.29
N GLN D 270 23.02 -23.03 27.42
CA GLN D 270 23.31 -22.22 28.61
C GLN D 270 22.29 -22.45 29.74
N LYS D 271 21.41 -23.44 29.55
CA LYS D 271 20.39 -23.83 30.52
C LYS D 271 19.37 -22.71 30.81
N TRP D 272 19.24 -21.75 29.89
CA TRP D 272 18.26 -20.67 30.04
C TRP D 272 16.85 -21.13 29.78
N ILE D 273 16.72 -22.21 29.01
CA ILE D 273 15.44 -22.92 28.86
C ILE D 273 15.69 -24.41 29.05
N ASP D 274 14.64 -25.16 29.40
CA ASP D 274 14.78 -26.61 29.62
C ASP D 274 14.21 -27.44 28.44
N ALA D 275 14.42 -28.76 28.50
CA ALA D 275 14.02 -29.67 27.42
C ALA D 275 12.56 -29.56 27.01
N ALA D 276 11.68 -29.29 27.96
CA ALA D 276 10.25 -29.17 27.69
C ALA D 276 9.95 -27.87 26.94
N GLN D 277 10.72 -26.82 27.21
CA GLN D 277 10.59 -25.54 26.50
C GLN D 277 11.12 -25.64 25.07
N LEU D 278 12.28 -26.26 24.89
CA LEU D 278 12.85 -26.46 23.55
C LEU D 278 11.96 -27.34 22.66
N GLU D 279 11.24 -28.28 23.27
CA GLU D 279 10.32 -29.15 22.53
C GLU D 279 9.11 -28.35 22.00
N LYS D 280 8.63 -27.41 22.80
CA LYS D 280 7.53 -26.53 22.40
C LYS D 280 7.93 -25.55 21.30
N LEU D 281 9.18 -25.08 21.35
CA LEU D 281 9.71 -24.21 20.30
C LEU D 281 9.82 -24.92 18.95
N ALA D 282 10.15 -26.21 18.99
CA ALA D 282 10.30 -27.00 17.77
C ALA D 282 8.96 -27.32 17.09
N ALA D 283 7.87 -27.29 17.87
CA ALA D 283 6.54 -27.67 17.38
C ALA D 283 6.12 -26.93 16.09
N PRO D 284 6.16 -25.57 16.10
CA PRO D 284 5.73 -24.79 14.93
C PRO D 284 6.57 -24.98 13.66
N LEU D 285 7.87 -25.19 13.83
CA LEU D 285 8.77 -25.37 12.70
C LEU D 285 8.97 -26.85 12.35
N ALA D 286 8.21 -27.74 12.99
CA ALA D 286 8.44 -29.20 12.89
C ALA D 286 8.57 -29.71 11.45
N LYS D 287 7.80 -29.12 10.53
CA LYS D 287 7.79 -29.58 9.14
C LYS D 287 9.06 -29.24 8.36
N ASN D 288 9.80 -28.21 8.78
CA ASN D 288 10.99 -27.79 8.04
C ASN D 288 12.31 -28.13 8.74
N GLY D 289 13.40 -27.85 8.06
CA GLY D 289 14.75 -28.16 8.53
C GLY D 289 15.13 -27.56 9.87
N TYR D 290 14.61 -26.37 10.16
CA TYR D 290 14.95 -25.66 11.41
C TYR D 290 14.34 -26.36 12.63
N GLY D 291 13.04 -26.62 12.57
CA GLY D 291 12.37 -27.42 13.61
C GLY D 291 12.95 -28.82 13.79
N GLN D 292 13.28 -29.48 12.68
CA GLN D 292 13.93 -30.79 12.76
C GLN D 292 15.26 -30.68 13.51
N TYR D 293 16.01 -29.61 13.24
CA TYR D 293 17.26 -29.37 13.93
C TYR D 293 17.06 -29.25 15.44
N LEU D 294 16.10 -28.42 15.83
CA LEU D 294 15.82 -28.18 17.25
C LEU D 294 15.33 -29.44 17.99
N LYS D 295 14.57 -30.29 17.31
CA LYS D 295 14.10 -31.55 17.89
C LYS D 295 15.23 -32.58 18.02
N ARG D 296 16.15 -32.57 17.05
CA ARG D 296 17.34 -33.43 17.11
C ARG D 296 18.30 -33.03 18.25
N LEU D 297 18.38 -31.73 18.54
CA LEU D 297 19.24 -31.23 19.61
C LEU D 297 18.97 -31.93 20.95
N LEU D 298 17.70 -32.25 21.21
CA LEU D 298 17.31 -32.89 22.47
C LEU D 298 17.88 -34.30 22.68
N THR D 299 18.17 -35.02 21.59
CA THR D 299 18.58 -36.43 21.67
C THR D 299 20.02 -36.71 21.24
N GLU D 300 20.80 -35.66 20.98
CA GLU D 300 22.19 -35.81 20.54
C GLU D 300 23.16 -35.09 21.46
N THR D 301 24.27 -35.73 21.80
CA THR D 301 25.35 -35.06 22.53
C THR D 301 26.30 -34.41 21.51
N VAL D 302 26.35 -33.08 21.51
CA VAL D 302 27.31 -32.32 20.70
C VAL D 302 28.37 -31.76 21.61
N TYR D 303 29.65 -32.01 21.29
CA TYR D 303 30.77 -31.52 22.09
C TYR D 303 31.28 -30.16 21.60
C 4WF E . 16.19 -7.73 -21.83
N 4WF E . 16.02 -9.72 -20.53
O 4WF E . 15.95 -8.44 -22.98
CA 4WF E . 16.22 -8.39 -20.59
CB 4WF E . 16.46 -7.68 -19.41
OAC 4WF E . 16.83 -4.40 -20.84
CAE 4WF E . 12.73 -4.04 -24.86
CAF 4WF E . 12.79 -4.37 -23.51
CAG 4WF E . 13.84 -4.22 -25.68
CAH 4WF E . 13.96 -4.89 -22.96
CAI 4WF E . 15.01 -4.75 -25.11
CA0 4WF E . 16.65 -5.62 -20.75
CAJ 4WF E . 16.38 -5.66 -23.24
NAL 4WF E . 16.39 -6.34 -21.92
OAN 4WF E . 16.50 -8.26 -18.31
NAB 4WF E . 16.69 -6.27 -19.50
CAQ 4WF E . 15.06 -5.09 -23.76
O1 MES F . -27.15 35.76 -29.00
C2 MES F . -27.81 34.52 -29.31
C3 MES F . -27.17 33.85 -30.52
N4 MES F . -25.81 34.34 -30.76
C5 MES F . -25.12 34.49 -29.46
C6 MES F . -25.77 35.61 -28.66
C7 MES F . -25.09 33.41 -31.67
C8 MES F . -23.88 34.08 -32.34
S MES F . -22.92 33.05 -33.23
O1S MES F . -23.07 31.63 -32.85
O2S MES F . -21.52 33.48 -33.01
O3S MES F . -23.29 33.14 -34.67
C1 GOL G . -1.33 1.90 -20.41
O1 GOL G . -1.82 0.71 -21.03
C2 GOL G . -0.51 1.51 -19.18
O2 GOL G . -1.39 1.00 -18.17
C3 GOL G . 0.31 2.68 -18.62
O3 GOL G . 0.25 3.82 -19.48
C1 GOL H . 14.63 -10.57 -17.24
O1 GOL H . 15.41 -11.13 -18.31
C2 GOL H . 13.81 -11.67 -16.56
O2 GOL H . 12.45 -11.24 -16.41
C3 GOL H . 14.41 -12.01 -15.19
O3 GOL H . 13.66 -13.07 -14.59
CL CL I . 20.06 -11.83 -25.97
C 4WF J . -6.61 18.92 18.06
N 4WF J . -8.79 18.07 17.65
O 4WF J . -6.89 19.06 19.38
CA 4WF J . -7.57 18.41 17.19
CB 4WF J . -7.25 18.27 15.84
OAC 4WF J . -3.89 19.43 15.81
CAE 4WF J . -1.70 17.26 20.73
CAF 4WF J . -2.33 16.79 19.58
CAG 4WF J . -1.91 18.56 21.16
CAH 4WF J . -3.18 17.61 18.84
CAI 4WF J . -2.77 19.38 20.43
CA0 4WF J . -5.00 19.13 16.27
CAJ 4WF J . -4.32 19.85 18.56
NAL 4WF J . -5.31 19.28 17.61
OAN 4WF J . -8.06 17.82 15.01
NAB 4WF J . -5.97 18.63 15.40
CAQ 4WF J . -3.41 18.90 19.29
O1 MES K . -23.11 12.32 34.63
C2 MES K . -24.27 11.52 34.38
C3 MES K . -23.81 10.13 33.92
N4 MES K . -22.59 9.68 34.64
C5 MES K . -22.49 10.36 35.97
C6 MES K . -22.41 11.88 35.80
C7 MES K . -22.56 8.20 34.71
C8 MES K . -21.75 7.64 35.89
S MES K . -21.39 6.03 35.69
O1S MES K . -21.01 5.49 37.02
O2S MES K . -20.22 5.88 34.78
O3S MES K . -22.54 5.26 35.16
C1 GOL L . -10.19 15.32 15.45
O1 GOL L . -10.43 16.44 16.32
C2 GOL L . -11.29 14.29 15.68
O2 GOL L . -10.89 13.35 16.68
C3 GOL L . -11.66 13.54 14.40
O3 GOL L . -13.07 13.34 14.30
CL CL M . -9.96 23.56 21.95
C 4WF N . -34.18 14.28 -18.02
N 4WF N . -32.53 15.88 -17.43
O 4WF N . -34.74 15.18 -18.89
CA 4WF N . -33.04 14.65 -17.29
CB 4WF N . -32.45 13.75 -16.39
OAC 4WF N . -34.63 10.95 -16.87
CAE 4WF N . -35.18 11.26 -22.71
CAF 4WF N . -34.21 11.05 -21.73
CAG 4WF N . -36.37 11.88 -22.37
CAH 4WF N . -34.45 11.46 -20.42
CAI 4WF N . -36.61 12.29 -21.07
CA0 4WF N . -34.14 12.08 -16.99
CAJ 4WF N . -35.94 12.56 -18.65
NAL 4WF N . -34.73 12.98 -17.88
OAN 4WF N . -31.46 14.07 -15.73
NAB 4WF N . -33.01 12.44 -16.25
CAQ 4WF N . -35.65 12.09 -20.08
O1 MES O . 8.73 -29.66 -29.08
C2 MES O . 7.85 -29.08 -30.04
C3 MES O . 6.54 -28.65 -29.38
N4 MES O . 5.94 -29.77 -28.65
C5 MES O . 6.91 -30.29 -27.67
C6 MES O . 8.14 -30.78 -28.40
C7 MES O . 4.69 -29.36 -27.95
C8 MES O . 3.60 -28.90 -28.94
S MES O . 2.04 -29.01 -28.32
O1S MES O . 1.91 -30.13 -27.35
O2S MES O . 1.13 -29.27 -29.46
O3S MES O . 1.64 -27.75 -27.67
CL CL P . -38.07 19.69 -17.58
C 4WF Q . 28.48 -22.35 20.04
N 4WF Q . 29.15 -20.70 18.45
O 4WF Q . 29.71 -22.30 20.62
CA 4WF Q . 28.20 -21.53 18.92
CB 4WF Q . 26.93 -21.58 18.33
OAC 4WF Q . 25.34 -24.01 20.36
CAE 4WF Q . 27.23 -22.40 25.68
CAF 4WF Q . 26.55 -21.86 24.59
CAG 4WF Q . 28.08 -23.48 25.48
CAH 4WF Q . 26.71 -22.39 23.31
CAI 4WF Q . 28.25 -24.00 24.21
CA0 4WF Q . 26.23 -23.26 19.94
CAJ 4WF Q . 27.79 -24.09 21.73
NAL 4WF Q . 27.49 -23.21 20.56
OAN 4WF Q . 26.62 -20.90 17.35
NAB 4WF Q . 25.96 -22.45 18.85
CAQ 4WF Q . 27.57 -23.46 23.11
CL CL R . 34.65 -24.67 18.67
#